data_1QM4
#
_entry.id   1QM4
#
_cell.length_a   115.200
_cell.length_b   115.200
_cell.length_c   159.980
_cell.angle_alpha   90.00
_cell.angle_beta   90.00
_cell.angle_gamma   90.00
#
_symmetry.space_group_name_H-M   'P 41 2 2'
#
loop_
_entity.id
_entity.type
_entity.pdbx_description
1 polymer 'METHIONINE ADENOSYLTRANSFERASE, ALPHA FORM'
2 non-polymer 'L-2-AMINO-4-METHOXY-CIS-BUT-3-ENOIC ACID'
3 non-polymer 'SULFATE ION'
4 non-polymer 'MAGNESIUM ION'
5 non-polymer 'POTASSIUM ION'
6 water water
#
_entity_poly.entity_id   1
_entity_poly.type   'polypeptide(L)'
_entity_poly.pdbx_seq_one_letter_code
;MNGPVDGLCDHSLSEEGAFMFTSESVGEGHPDKICDQISDAVLDAHLKQDPNAKVACETVCKTGMVLLCGEITSMAMIDY
QRVVRDTIKHIGYDDSAKGFDFKTCNVLVALEQQSPDIAQCVHLDRNEEDVGAGDQGLMFGYATDETEECMPLTIVLAHK
LNTRMADLRRSGVLPWLRPDSKTQVTVQYVQDNGAVIPVRVHTIVISVQHNEDITLEAMREALKEQVIKAVVPAKYLDED
TIYHLQPSGRFVIGGPQGDAGVTGRKIIVDTYGGWGAHGGGAFSGKDYTKVDRSAAYAARWVAKSLVKAGLCRRVLVQVS
YAIGVAEPLSISIFTYGTSKKTERELLEVVNKNFDLRPGVIVRDLDLKKPIYQKTACYGHFGRSEFPWEVPKKLVF
;
_entity_poly.pdbx_strand_id   A,B
#
# COMPACT_ATOMS: atom_id res chain seq x y z
N GLY A 17 -19.60 -6.06 -20.37
CA GLY A 17 -19.94 -5.57 -18.98
C GLY A 17 -19.18 -4.33 -18.57
N ALA A 18 -18.97 -3.43 -19.53
CA ALA A 18 -18.23 -2.19 -19.35
C ALA A 18 -17.95 -1.62 -17.96
N PHE A 19 -16.75 -1.13 -17.81
CA PHE A 19 -16.27 -0.48 -16.60
C PHE A 19 -14.97 0.18 -17.02
N MET A 20 -14.47 1.08 -16.20
CA MET A 20 -13.20 1.70 -16.57
C MET A 20 -12.18 1.49 -15.45
N PHE A 21 -10.91 1.57 -15.78
CA PHE A 21 -9.91 1.37 -14.77
C PHE A 21 -8.68 2.22 -15.03
N THR A 22 -8.05 2.67 -13.96
CA THR A 22 -6.86 3.54 -14.02
C THR A 22 -5.76 2.95 -13.19
N SER A 23 -4.52 3.09 -13.65
CA SER A 23 -3.35 2.63 -12.93
C SER A 23 -2.26 3.66 -13.10
N GLU A 24 -1.26 3.61 -12.23
CA GLU A 24 -0.17 4.57 -12.30
C GLU A 24 1.15 3.89 -12.05
N SER A 25 2.24 4.58 -12.39
CA SER A 25 3.58 4.07 -12.19
C SER A 25 4.45 5.29 -12.08
N VAL A 26 5.63 5.18 -11.51
CA VAL A 26 6.53 6.31 -11.36
C VAL A 26 7.91 5.99 -11.91
N GLY A 27 8.63 7.03 -12.32
CA GLY A 27 9.96 6.84 -12.86
C GLY A 27 11.01 6.61 -11.80
N GLU A 28 12.20 6.28 -12.27
CA GLU A 28 13.36 6.03 -11.41
C GLU A 28 13.81 7.15 -10.49
N GLY A 29 13.35 8.37 -10.75
CA GLY A 29 13.73 9.49 -9.90
C GLY A 29 12.64 9.97 -8.94
N HIS A 30 11.47 9.35 -8.98
CA HIS A 30 10.43 9.72 -8.07
C HIS A 30 11.11 9.35 -6.75
N PRO A 31 11.11 10.26 -5.76
CA PRO A 31 11.72 10.06 -4.43
C PRO A 31 11.50 8.70 -3.76
N ASP A 32 10.26 8.20 -3.75
CA ASP A 32 9.98 6.92 -3.13
C ASP A 32 10.71 5.82 -3.85
N LYS A 33 10.66 5.87 -5.18
CA LYS A 33 11.34 4.88 -5.99
C LYS A 33 12.84 5.07 -5.90
N ILE A 34 13.31 6.28 -5.59
CA ILE A 34 14.76 6.43 -5.42
C ILE A 34 15.18 5.59 -4.23
N CYS A 35 14.35 5.63 -3.18
CA CYS A 35 14.55 4.91 -1.94
C CYS A 35 14.42 3.40 -2.05
N ASP A 36 13.47 2.96 -2.87
CA ASP A 36 13.27 1.53 -3.11
C ASP A 36 14.45 0.98 -3.82
N GLN A 37 15.01 1.76 -4.74
CA GLN A 37 16.18 1.32 -5.49
C GLN A 37 17.46 1.27 -4.65
N ILE A 38 17.77 2.34 -3.93
CA ILE A 38 18.93 2.36 -3.06
C ILE A 38 18.88 1.20 -2.08
N SER A 39 17.71 0.89 -1.50
CA SER A 39 17.55 -0.21 -0.55
C SER A 39 17.86 -1.57 -1.18
N ASP A 40 17.39 -1.75 -2.39
CA ASP A 40 17.65 -2.97 -3.10
C ASP A 40 19.09 -3.02 -3.69
N ALA A 41 19.73 -1.88 -3.87
CA ALA A 41 21.09 -1.90 -4.39
C ALA A 41 21.95 -2.34 -3.21
N VAL A 42 21.57 -1.95 -1.99
CA VAL A 42 22.31 -2.38 -0.81
C VAL A 42 22.10 -3.87 -0.62
N LEU A 43 20.92 -4.41 -0.96
CA LEU A 43 20.65 -5.84 -0.86
C LEU A 43 21.49 -6.61 -1.90
N ASP A 44 21.55 -6.08 -3.13
CA ASP A 44 22.35 -6.69 -4.20
C ASP A 44 23.82 -6.74 -3.75
N ALA A 45 24.36 -5.58 -3.35
CA ALA A 45 25.72 -5.48 -2.88
C ALA A 45 26.11 -6.53 -1.83
N HIS A 46 25.14 -7.04 -1.05
CA HIS A 46 25.45 -8.05 -0.06
C HIS A 46 25.37 -9.44 -0.62
N LEU A 47 24.35 -9.69 -1.43
CA LEU A 47 24.15 -11.02 -2.02
C LEU A 47 25.36 -11.46 -2.87
N LYS A 48 25.94 -10.53 -3.63
CA LYS A 48 27.10 -10.82 -4.44
C LYS A 48 28.29 -11.37 -3.63
N GLN A 49 28.37 -11.08 -2.33
CA GLN A 49 29.49 -11.53 -1.50
C GLN A 49 29.10 -12.50 -0.43
N ASP A 50 27.79 -12.62 -0.22
CA ASP A 50 27.26 -13.54 0.78
C ASP A 50 25.79 -13.73 0.48
N PRO A 51 25.42 -14.75 -0.29
CA PRO A 51 24.06 -15.09 -0.69
C PRO A 51 23.15 -15.42 0.45
N ASN A 52 23.70 -15.45 1.67
CA ASN A 52 22.93 -15.73 2.86
C ASN A 52 22.87 -14.51 3.77
N ALA A 53 23.36 -13.39 3.25
CA ALA A 53 23.33 -12.13 3.99
C ALA A 53 21.90 -11.88 4.34
N LYS A 54 21.69 -11.47 5.58
CA LYS A 54 20.37 -11.14 6.05
C LYS A 54 20.23 -9.63 6.00
N VAL A 55 19.42 -9.14 5.08
CA VAL A 55 19.19 -7.72 4.87
C VAL A 55 17.81 -7.17 5.24
N ALA A 56 17.80 -6.13 6.01
CA ALA A 56 16.57 -5.50 6.39
C ALA A 56 16.90 -4.01 6.45
N CYS A 57 16.83 -3.33 5.32
CA CYS A 57 17.13 -1.93 5.33
C CYS A 57 16.11 -1.08 4.57
N GLU A 58 16.11 0.20 4.89
CA GLU A 58 15.26 1.19 4.26
C GLU A 58 16.03 2.48 4.06
N THR A 59 15.58 3.28 3.12
CA THR A 59 16.24 4.52 2.79
C THR A 59 15.19 5.60 2.87
N VAL A 60 15.62 6.82 3.22
CA VAL A 60 14.75 8.00 3.29
C VAL A 60 15.51 9.07 2.57
N CYS A 61 14.84 9.90 1.79
CA CYS A 61 15.57 10.95 1.10
C CYS A 61 14.81 12.28 1.05
N LYS A 62 15.55 13.38 0.96
CA LYS A 62 14.98 14.69 0.92
C LYS A 62 16.02 15.66 0.36
N THR A 63 15.90 15.98 -0.93
CA THR A 63 16.83 16.92 -1.62
C THR A 63 18.29 16.84 -1.25
N GLY A 64 19.03 15.95 -1.88
CA GLY A 64 20.45 15.88 -1.59
C GLY A 64 20.74 15.52 -0.17
N MET A 65 19.85 14.70 0.39
CA MET A 65 19.97 14.19 1.75
C MET A 65 19.39 12.82 1.65
N VAL A 66 20.24 11.81 1.82
CA VAL A 66 19.86 10.41 1.74
C VAL A 66 20.24 9.74 3.06
N LEU A 67 19.28 9.11 3.74
CA LEU A 67 19.51 8.41 5.01
C LEU A 67 19.28 6.91 4.85
N LEU A 68 20.32 6.11 5.08
CA LEU A 68 20.25 4.67 4.99
C LEU A 68 20.14 4.11 6.42
N CYS A 69 19.06 3.38 6.69
CA CYS A 69 18.76 2.77 7.98
C CYS A 69 18.71 1.29 7.86
N GLY A 70 18.68 0.58 8.97
CA GLY A 70 18.56 -0.84 8.89
C GLY A 70 19.51 -1.70 9.68
N GLU A 71 19.13 -2.97 9.76
CA GLU A 71 19.85 -4.01 10.47
C GLU A 71 20.20 -5.05 9.43
N ILE A 72 21.49 -5.24 9.13
CA ILE A 72 21.83 -6.30 8.19
C ILE A 72 22.95 -7.18 8.74
N THR A 73 22.64 -8.46 8.87
CA THR A 73 23.58 -9.47 9.37
C THR A 73 24.22 -10.09 8.15
N SER A 74 25.48 -9.75 7.89
CA SER A 74 26.12 -10.28 6.71
C SER A 74 27.61 -10.37 6.92
N MET A 75 28.29 -10.98 5.94
CA MET A 75 29.71 -11.13 6.00
C MET A 75 30.33 -10.82 4.68
N ALA A 76 30.18 -9.54 4.32
CA ALA A 76 30.70 -8.98 3.09
C ALA A 76 31.15 -7.57 3.46
N MET A 77 32.17 -7.08 2.79
CA MET A 77 32.65 -5.75 3.08
C MET A 77 32.04 -4.85 2.05
N ILE A 78 31.18 -3.94 2.49
CA ILE A 78 30.49 -3.02 1.57
C ILE A 78 30.73 -1.54 1.84
N ASP A 79 30.92 -0.78 0.75
CA ASP A 79 31.14 0.64 0.83
C ASP A 79 29.77 1.26 0.51
N TYR A 80 28.96 1.49 1.54
CA TYR A 80 27.61 2.04 1.43
C TYR A 80 27.60 3.40 0.77
N GLN A 81 28.65 4.17 0.99
CA GLN A 81 28.74 5.48 0.35
C GLN A 81 28.74 5.21 -1.15
N ARG A 82 29.52 4.22 -1.54
CA ARG A 82 29.66 3.84 -2.92
C ARG A 82 28.37 3.25 -3.48
N VAL A 83 27.70 2.36 -2.74
CA VAL A 83 26.49 1.81 -3.33
C VAL A 83 25.33 2.76 -3.32
N VAL A 84 25.36 3.78 -2.46
CA VAL A 84 24.27 4.77 -2.46
C VAL A 84 24.45 5.78 -3.62
N ARG A 85 25.66 6.33 -3.77
CA ARG A 85 25.99 7.28 -4.82
C ARG A 85 25.96 6.67 -6.23
N ASP A 86 26.40 5.44 -6.37
CA ASP A 86 26.34 4.78 -7.66
C ASP A 86 24.91 4.65 -8.09
N THR A 87 24.03 4.35 -7.15
CA THR A 87 22.61 4.20 -7.44
C THR A 87 21.94 5.49 -7.86
N ILE A 88 22.35 6.62 -7.28
CA ILE A 88 21.81 7.94 -7.62
C ILE A 88 22.33 8.35 -9.00
N LYS A 89 23.57 7.99 -9.29
CA LYS A 89 24.20 8.29 -10.57
C LYS A 89 23.50 7.49 -11.65
N HIS A 90 23.24 6.21 -11.38
CA HIS A 90 22.56 5.34 -12.36
C HIS A 90 21.21 5.89 -12.71
N ILE A 91 20.48 6.35 -11.69
CA ILE A 91 19.16 6.95 -11.88
C ILE A 91 19.28 8.19 -12.75
N GLY A 92 20.43 8.87 -12.73
CA GLY A 92 20.60 10.03 -13.57
C GLY A 92 20.77 11.34 -12.86
N TYR A 93 21.08 11.33 -11.57
CA TYR A 93 21.29 12.59 -10.84
C TYR A 93 22.78 12.84 -10.72
N ASP A 94 23.29 13.66 -11.63
CA ASP A 94 24.71 13.96 -11.68
C ASP A 94 24.97 15.45 -11.64
N ASP A 95 23.97 16.23 -12.01
CA ASP A 95 24.09 17.65 -12.01
C ASP A 95 23.30 18.19 -10.84
N SER A 96 23.53 19.48 -10.62
CA SER A 96 22.98 20.19 -9.49
C SER A 96 21.50 20.49 -9.58
N ALA A 97 21.14 21.33 -10.55
CA ALA A 97 19.76 21.74 -10.81
C ALA A 97 18.72 20.62 -10.91
N LYS A 98 19.15 19.38 -11.14
CA LYS A 98 18.18 18.27 -11.30
C LYS A 98 17.51 17.89 -10.01
N GLY A 99 18.02 18.45 -8.92
CA GLY A 99 17.49 18.16 -7.60
C GLY A 99 18.34 17.11 -6.89
N PHE A 100 19.47 16.71 -7.48
CA PHE A 100 20.31 15.68 -6.85
C PHE A 100 21.61 15.46 -7.61
N ASP A 101 22.72 15.32 -6.90
CA ASP A 101 23.99 15.04 -7.55
C ASP A 101 24.68 14.02 -6.67
N PHE A 102 24.87 12.81 -7.16
CA PHE A 102 25.53 11.78 -6.37
C PHE A 102 26.90 12.19 -5.86
N LYS A 103 27.53 13.17 -6.49
CA LYS A 103 28.84 13.63 -6.04
C LYS A 103 28.77 14.59 -4.85
N THR A 104 27.65 15.28 -4.66
CA THR A 104 27.52 16.27 -3.57
C THR A 104 26.47 16.02 -2.47
N CYS A 105 25.55 15.09 -2.69
CA CYS A 105 24.52 14.85 -1.70
C CYS A 105 25.03 14.19 -0.45
N ASN A 106 24.31 14.47 0.63
CA ASN A 106 24.58 13.95 1.96
C ASN A 106 24.03 12.56 2.07
N VAL A 107 24.93 11.61 2.30
CA VAL A 107 24.52 10.23 2.45
C VAL A 107 24.88 9.88 3.88
N LEU A 108 23.91 9.96 4.78
CA LEU A 108 24.13 9.67 6.18
C LEU A 108 23.80 8.22 6.38
N VAL A 109 24.78 7.39 6.69
CA VAL A 109 24.54 5.98 6.92
C VAL A 109 24.40 5.65 8.40
N ALA A 110 23.22 5.19 8.78
CA ALA A 110 22.89 4.83 10.16
C ALA A 110 22.54 3.35 10.28
N LEU A 111 23.13 2.56 9.39
CA LEU A 111 22.92 1.11 9.24
C LEU A 111 23.78 0.39 10.27
N GLU A 112 23.27 -0.71 10.84
CA GLU A 112 24.06 -1.47 11.81
C GLU A 112 24.39 -2.78 11.12
N GLN A 113 25.66 -3.17 11.07
CA GLN A 113 26.02 -4.43 10.39
C GLN A 113 26.72 -5.49 11.30
N GLN A 114 26.04 -6.61 11.59
CA GLN A 114 26.62 -7.73 12.38
C GLN A 114 27.51 -8.63 11.50
N SER A 115 27.64 -9.91 11.88
CA SER A 115 28.53 -10.79 11.12
C SER A 115 28.19 -12.25 10.78
N PRO A 116 27.82 -13.04 11.78
CA PRO A 116 27.49 -14.46 11.62
C PRO A 116 25.99 -14.80 11.40
N GLU A 129 15.49 -26.25 2.94
CA GLU A 129 14.32 -26.67 2.09
C GLU A 129 13.01 -26.68 2.88
N ASP A 130 13.04 -27.21 4.08
CA ASP A 130 11.82 -27.26 4.86
C ASP A 130 11.90 -26.25 5.97
N VAL A 131 12.49 -25.06 5.71
CA VAL A 131 12.64 -24.06 6.80
C VAL A 131 11.43 -23.76 7.66
N GLY A 132 10.45 -23.03 7.12
CA GLY A 132 9.28 -22.70 7.91
C GLY A 132 9.07 -21.21 7.90
N ALA A 133 7.90 -20.81 7.41
CA ALA A 133 7.52 -19.40 7.27
C ALA A 133 7.60 -18.54 8.54
N GLY A 134 8.24 -17.38 8.41
CA GLY A 134 8.30 -16.45 9.53
C GLY A 134 7.05 -15.57 9.39
N ASP A 135 6.37 -15.29 10.48
CA ASP A 135 5.16 -14.44 10.43
C ASP A 135 3.94 -14.98 9.71
N GLN A 136 2.85 -15.29 10.41
CA GLN A 136 1.59 -15.63 9.72
C GLN A 136 1.49 -14.70 8.50
N GLY A 137 1.11 -15.20 7.33
CA GLY A 137 0.99 -14.29 6.21
C GLY A 137 -0.04 -14.75 5.22
N LEU A 138 -0.42 -13.88 4.31
CA LEU A 138 -1.38 -14.19 3.25
C LEU A 138 -0.90 -13.46 2.02
N MET A 139 -0.33 -14.17 1.06
CA MET A 139 0.16 -13.54 -0.14
C MET A 139 -0.83 -13.72 -1.26
N PHE A 140 -0.88 -12.78 -2.20
CA PHE A 140 -1.82 -12.85 -3.32
C PHE A 140 -1.06 -12.93 -4.64
N GLY A 141 -1.64 -13.52 -5.65
CA GLY A 141 -0.94 -13.59 -6.92
C GLY A 141 -1.96 -13.27 -7.96
N TYR A 142 -1.60 -12.63 -9.07
CA TYR A 142 -2.60 -12.32 -10.06
C TYR A 142 -2.04 -12.40 -11.48
N ALA A 143 -2.88 -12.83 -12.42
CA ALA A 143 -2.51 -12.93 -13.83
C ALA A 143 -3.75 -12.83 -14.66
N THR A 144 -3.62 -12.24 -15.83
CA THR A 144 -4.75 -12.03 -16.75
C THR A 144 -4.24 -12.11 -18.20
N ASP A 145 -5.02 -12.66 -19.12
CA ASP A 145 -4.55 -12.77 -20.50
C ASP A 145 -4.70 -11.58 -21.44
N GLU A 146 -5.10 -10.41 -20.94
CA GLU A 146 -5.25 -9.24 -21.80
C GLU A 146 -3.96 -8.70 -22.41
N THR A 147 -2.83 -9.18 -21.91
CA THR A 147 -1.54 -8.77 -22.47
C THR A 147 -0.61 -9.96 -22.46
N GLU A 148 0.41 -9.96 -23.31
CA GLU A 148 1.35 -11.07 -23.33
C GLU A 148 2.08 -11.26 -22.00
N GLU A 149 2.29 -10.17 -21.26
CA GLU A 149 2.94 -10.20 -19.96
C GLU A 149 2.10 -10.86 -18.88
N CYS A 150 0.81 -10.99 -19.15
CA CYS A 150 -0.17 -11.56 -18.22
C CYS A 150 -0.41 -10.61 -17.09
N MET A 151 -0.42 -9.33 -17.45
CA MET A 151 -0.63 -8.25 -16.51
C MET A 151 -1.64 -7.28 -17.09
N PRO A 152 -2.43 -6.61 -16.22
CA PRO A 152 -3.48 -5.64 -16.55
C PRO A 152 -2.88 -4.65 -17.53
N LEU A 153 -3.61 -4.29 -18.59
CA LEU A 153 -3.08 -3.39 -19.63
C LEU A 153 -2.68 -2.04 -19.08
N THR A 154 -3.56 -1.57 -18.22
CA THR A 154 -3.50 -0.32 -17.51
C THR A 154 -2.16 -0.07 -16.81
N ILE A 155 -1.66 -1.06 -16.08
CA ILE A 155 -0.40 -0.95 -15.35
C ILE A 155 0.78 -1.28 -16.26
N VAL A 156 0.58 -2.18 -17.20
CA VAL A 156 1.62 -2.52 -18.15
C VAL A 156 1.97 -1.27 -18.97
N LEU A 157 0.97 -0.57 -19.49
CA LEU A 157 1.16 0.66 -20.26
C LEU A 157 1.78 1.73 -19.38
N ALA A 158 1.29 1.89 -18.15
CA ALA A 158 1.81 2.89 -17.21
C ALA A 158 3.31 2.72 -17.00
N HIS A 159 3.75 1.49 -16.83
CA HIS A 159 5.16 1.17 -16.63
C HIS A 159 5.97 1.39 -17.90
N LYS A 160 5.51 0.87 -19.03
CA LYS A 160 6.19 1.02 -20.33
C LYS A 160 6.34 2.47 -20.71
N LEU A 161 5.34 3.26 -20.37
CA LEU A 161 5.42 4.67 -20.66
C LEU A 161 6.64 5.23 -19.91
N ASN A 162 6.84 4.90 -18.64
CA ASN A 162 7.97 5.44 -17.88
C ASN A 162 9.28 4.85 -18.38
N THR A 163 9.30 3.56 -18.66
CA THR A 163 10.45 2.86 -19.21
C THR A 163 10.93 3.54 -20.47
N ARG A 164 10.00 3.88 -21.35
CA ARG A 164 10.34 4.53 -22.59
C ARG A 164 10.99 5.90 -22.42
N MET A 165 10.54 6.73 -21.51
CA MET A 165 11.18 8.04 -21.36
C MET A 165 12.57 7.92 -20.81
N ALA A 166 12.86 6.84 -20.12
CA ALA A 166 14.18 6.59 -19.54
C ALA A 166 15.14 6.23 -20.64
N ASP A 167 14.62 5.45 -21.58
CA ASP A 167 15.37 4.99 -22.74
C ASP A 167 15.78 6.18 -23.50
N LEU A 168 14.81 7.02 -23.85
CA LEU A 168 15.03 8.26 -24.61
C LEU A 168 15.95 9.23 -23.86
N ARG A 169 15.87 9.19 -22.54
CA ARG A 169 16.73 10.02 -21.70
C ARG A 169 18.15 9.50 -21.84
N ARG A 170 18.28 8.18 -21.72
CA ARG A 170 19.59 7.55 -21.77
C ARG A 170 20.23 7.41 -23.13
N SER A 171 19.44 7.39 -24.19
CA SER A 171 19.99 7.27 -25.52
C SER A 171 20.53 8.60 -26.01
N GLY A 172 19.78 9.66 -25.67
CA GLY A 172 20.14 11.00 -26.08
C GLY A 172 19.03 11.59 -26.90
N VAL A 173 18.11 10.75 -27.34
CA VAL A 173 16.98 11.18 -28.15
C VAL A 173 16.15 12.31 -27.54
N LEU A 174 15.82 12.27 -26.25
CA LEU A 174 15.11 13.39 -25.66
C LEU A 174 16.05 13.76 -24.53
N PRO A 175 17.04 14.63 -24.77
CA PRO A 175 18.02 15.08 -23.78
C PRO A 175 17.59 16.10 -22.73
N TRP A 176 16.32 16.50 -22.81
CA TRP A 176 15.74 17.42 -21.84
C TRP A 176 15.05 16.67 -20.71
N LEU A 177 14.81 15.40 -20.96
CA LEU A 177 14.16 14.52 -20.03
C LEU A 177 15.02 14.30 -18.78
N ARG A 178 14.43 14.52 -17.60
CA ARG A 178 15.11 14.30 -16.33
C ARG A 178 14.48 13.04 -15.69
N PRO A 179 15.11 12.45 -14.67
CA PRO A 179 14.63 11.26 -14.00
C PRO A 179 13.27 11.08 -13.38
N ASP A 180 12.73 12.11 -12.76
CA ASP A 180 11.45 11.99 -12.08
C ASP A 180 10.24 12.17 -13.00
N SER A 181 9.38 11.17 -13.01
CA SER A 181 8.16 11.18 -13.80
C SER A 181 7.07 10.45 -13.07
N LYS A 182 5.84 10.65 -13.53
CA LYS A 182 4.67 9.95 -13.04
C LYS A 182 3.76 9.73 -14.25
N THR A 183 3.14 8.56 -14.31
CA THR A 183 2.29 8.17 -15.41
C THR A 183 0.99 7.58 -14.90
N GLN A 184 -0.13 7.86 -15.58
CA GLN A 184 -1.43 7.30 -15.23
C GLN A 184 -2.04 6.94 -16.56
N VAL A 185 -2.59 5.74 -16.64
CA VAL A 185 -3.23 5.22 -17.84
C VAL A 185 -4.64 4.72 -17.49
N THR A 186 -5.67 5.31 -18.10
CA THR A 186 -7.00 4.84 -17.83
C THR A 186 -7.59 4.25 -19.10
N VAL A 187 -7.94 2.98 -19.00
CA VAL A 187 -8.47 2.16 -20.08
C VAL A 187 -9.94 1.75 -19.87
N GLN A 188 -10.75 1.81 -20.95
CA GLN A 188 -12.14 1.39 -20.87
C GLN A 188 -12.19 -0.11 -21.16
N TYR A 189 -12.90 -0.86 -20.33
CA TYR A 189 -13.03 -2.32 -20.51
C TYR A 189 -14.45 -2.80 -20.80
N VAL A 190 -14.57 -4.12 -20.85
CA VAL A 190 -15.79 -4.84 -21.14
C VAL A 190 -15.52 -6.27 -20.66
N GLN A 191 -16.40 -6.85 -19.85
CA GLN A 191 -16.16 -8.22 -19.39
C GLN A 191 -16.41 -9.16 -20.59
N ASP A 192 -16.31 -10.48 -20.37
CA ASP A 192 -16.52 -11.47 -21.42
C ASP A 192 -16.70 -12.87 -20.82
N ASN A 193 -17.98 -13.24 -20.63
CA ASN A 193 -18.42 -14.53 -20.07
C ASN A 193 -17.27 -15.25 -19.40
N GLY A 194 -16.64 -14.52 -18.47
CA GLY A 194 -15.48 -15.02 -17.76
C GLY A 194 -14.87 -13.74 -17.23
N ALA A 195 -13.89 -13.17 -17.94
CA ALA A 195 -13.39 -11.92 -17.45
C ALA A 195 -12.43 -11.08 -18.29
N VAL A 196 -12.55 -9.74 -18.09
CA VAL A 196 -11.72 -8.60 -18.58
C VAL A 196 -11.06 -8.28 -19.95
N ILE A 197 -11.75 -7.60 -20.88
CA ILE A 197 -11.12 -7.22 -22.15
C ILE A 197 -10.94 -5.71 -22.39
N PRO A 198 -9.71 -5.26 -22.51
CA PRO A 198 -9.50 -3.83 -22.76
C PRO A 198 -10.01 -3.42 -24.12
N VAL A 199 -10.63 -2.26 -24.22
CA VAL A 199 -11.15 -1.78 -25.49
C VAL A 199 -10.39 -0.56 -26.01
N ARG A 200 -10.09 0.40 -25.13
CA ARG A 200 -9.35 1.55 -25.57
C ARG A 200 -8.76 2.32 -24.42
N VAL A 201 -7.71 3.07 -24.71
CA VAL A 201 -7.08 3.91 -23.71
C VAL A 201 -7.92 5.16 -23.74
N HIS A 202 -8.67 5.36 -22.67
CA HIS A 202 -9.56 6.49 -22.51
C HIS A 202 -8.77 7.80 -22.31
N THR A 203 -7.86 7.79 -21.35
CA THR A 203 -7.01 8.94 -21.12
C THR A 203 -5.67 8.52 -20.55
N ILE A 204 -4.67 9.36 -20.83
CA ILE A 204 -3.28 9.19 -20.41
C ILE A 204 -2.76 10.48 -19.80
N VAL A 205 -2.21 10.39 -18.59
CA VAL A 205 -1.60 11.56 -17.96
C VAL A 205 -0.14 11.29 -17.69
N ILE A 206 0.73 12.15 -18.18
CA ILE A 206 2.14 12.05 -17.90
C ILE A 206 2.81 13.38 -17.57
N SER A 207 3.63 13.34 -16.53
CA SER A 207 4.38 14.49 -16.08
C SER A 207 5.81 13.97 -15.94
N VAL A 208 6.78 14.67 -16.48
CA VAL A 208 8.16 14.26 -16.35
C VAL A 208 9.02 15.49 -16.06
N GLN A 209 10.02 15.34 -15.20
CA GLN A 209 10.90 16.42 -14.82
C GLN A 209 11.68 16.79 -16.08
N HIS A 210 12.19 18.02 -16.17
CA HIS A 210 12.92 18.41 -17.36
C HIS A 210 13.88 19.55 -17.18
N ASN A 211 14.73 19.74 -18.20
CA ASN A 211 15.72 20.82 -18.25
C ASN A 211 15.00 22.13 -18.67
N GLU A 212 15.56 23.30 -18.29
CA GLU A 212 14.95 24.59 -18.58
C GLU A 212 14.76 24.99 -20.04
N ASP A 213 15.75 24.69 -20.89
CA ASP A 213 15.69 25.03 -22.32
C ASP A 213 14.84 24.11 -23.17
N ILE A 214 13.55 24.04 -22.90
CA ILE A 214 12.67 23.20 -23.67
C ILE A 214 11.27 23.69 -23.37
N THR A 215 10.54 24.00 -24.43
CA THR A 215 9.19 24.53 -24.33
C THR A 215 8.17 23.48 -23.94
N LEU A 216 7.13 23.93 -23.26
CA LEU A 216 6.02 23.10 -22.83
C LEU A 216 5.39 22.53 -24.10
N GLU A 217 5.39 23.32 -25.17
CA GLU A 217 4.84 22.86 -26.42
C GLU A 217 5.66 21.77 -27.05
N ALA A 218 6.99 21.87 -26.94
CA ALA A 218 7.88 20.85 -27.50
C ALA A 218 7.87 19.58 -26.66
N MET A 219 7.75 19.71 -25.35
CA MET A 219 7.68 18.52 -24.49
C MET A 219 6.42 17.74 -24.75
N ARG A 220 5.27 18.41 -24.82
CA ARG A 220 3.99 17.78 -25.06
C ARG A 220 3.89 17.00 -26.35
N GLU A 221 4.55 17.52 -27.37
CA GLU A 221 4.57 16.93 -28.69
C GLU A 221 5.42 15.68 -28.69
N ALA A 222 6.59 15.74 -28.05
CA ALA A 222 7.48 14.61 -27.96
C ALA A 222 6.89 13.51 -27.10
N LEU A 223 6.12 13.86 -26.09
CA LEU A 223 5.49 12.87 -25.21
C LEU A 223 4.44 12.05 -25.93
N LYS A 224 3.74 12.65 -26.89
CA LYS A 224 2.69 11.99 -27.67
C LYS A 224 3.22 11.15 -28.82
N GLU A 225 4.12 11.71 -29.60
CA GLU A 225 4.69 11.02 -30.73
C GLU A 225 5.71 9.99 -30.40
N GLN A 226 6.73 10.42 -29.65
CA GLN A 226 7.83 9.58 -29.26
C GLN A 226 7.71 8.65 -28.08
N VAL A 227 6.83 8.92 -27.12
CA VAL A 227 6.70 7.97 -26.03
C VAL A 227 5.38 7.27 -26.06
N ILE A 228 4.26 8.00 -26.03
CA ILE A 228 2.94 7.35 -26.06
C ILE A 228 2.68 6.50 -27.28
N LYS A 229 2.74 7.10 -28.47
CA LYS A 229 2.48 6.38 -29.70
C LYS A 229 3.55 5.33 -30.02
N ALA A 230 4.70 5.43 -29.38
CA ALA A 230 5.74 4.45 -29.60
C ALA A 230 5.65 3.23 -28.66
N VAL A 231 4.68 3.22 -27.75
CA VAL A 231 4.51 2.11 -26.80
C VAL A 231 3.09 1.58 -26.73
N VAL A 232 2.11 2.43 -26.97
CA VAL A 232 0.72 2.00 -26.91
C VAL A 232 0.22 1.46 -28.27
N PRO A 233 -0.24 0.21 -28.33
CA PRO A 233 -0.74 -0.44 -29.53
C PRO A 233 -1.86 0.37 -30.24
N ALA A 234 -1.72 0.55 -31.55
CA ALA A 234 -2.68 1.29 -32.36
C ALA A 234 -4.10 0.95 -32.05
N LYS A 235 -4.36 -0.32 -31.82
CA LYS A 235 -5.68 -0.79 -31.46
C LYS A 235 -6.32 0.01 -30.34
N TYR A 236 -5.52 0.54 -29.42
CA TYR A 236 -6.04 1.31 -28.27
C TYR A 236 -6.08 2.82 -28.34
N LEU A 237 -5.26 3.43 -29.17
CA LEU A 237 -5.29 4.88 -29.29
C LEU A 237 -6.44 5.22 -30.22
N ASP A 238 -7.02 6.40 -29.98
CA ASP A 238 -8.23 6.84 -30.64
C ASP A 238 -8.18 8.32 -31.06
N GLU A 239 -9.27 8.80 -31.68
CA GLU A 239 -9.36 10.21 -32.04
C GLU A 239 -9.89 10.94 -30.80
N ASP A 240 -10.32 10.19 -29.79
CA ASP A 240 -10.89 10.75 -28.57
C ASP A 240 -10.06 10.58 -27.30
N THR A 241 -9.14 9.62 -27.30
CA THR A 241 -8.22 9.36 -26.20
C THR A 241 -7.77 10.72 -25.65
N ILE A 242 -7.79 10.89 -24.33
CA ILE A 242 -7.38 12.16 -23.77
C ILE A 242 -5.95 12.19 -23.28
N TYR A 243 -5.23 13.20 -23.68
CA TYR A 243 -3.87 13.29 -23.24
C TYR A 243 -3.69 14.43 -22.25
N HIS A 244 -2.99 14.17 -21.16
CA HIS A 244 -2.71 15.22 -20.19
C HIS A 244 -1.22 15.15 -19.98
N LEU A 245 -0.48 15.89 -20.79
CA LEU A 245 0.98 15.89 -20.76
C LEU A 245 1.52 17.17 -20.09
N GLN A 246 2.21 16.97 -18.97
CA GLN A 246 2.76 18.04 -18.18
C GLN A 246 1.60 18.93 -17.84
N PRO A 247 0.53 18.39 -17.22
CA PRO A 247 -0.65 19.19 -16.85
C PRO A 247 -0.35 20.39 -15.95
N SER A 248 0.54 20.22 -14.99
CA SER A 248 0.85 21.28 -14.05
C SER A 248 1.88 22.21 -14.62
N GLY A 249 2.03 22.21 -15.93
CA GLY A 249 3.00 23.07 -16.53
C GLY A 249 4.43 22.55 -16.44
N ARG A 250 5.28 23.28 -15.75
CA ARG A 250 6.66 22.86 -15.72
C ARG A 250 6.97 22.12 -14.46
N PHE A 251 8.06 21.36 -14.51
CA PHE A 251 8.55 20.47 -13.44
C PHE A 251 10.08 20.42 -13.79
N VAL A 252 10.81 21.48 -13.48
CA VAL A 252 12.23 21.52 -13.84
C VAL A 252 13.12 21.03 -12.68
N ILE A 253 13.26 21.89 -11.65
CA ILE A 253 14.11 21.53 -10.54
C ILE A 253 13.31 20.65 -9.61
N GLY A 254 12.19 20.18 -10.17
CA GLY A 254 11.31 19.29 -9.43
C GLY A 254 12.23 18.28 -8.73
N GLY A 255 12.78 17.29 -9.47
CA GLY A 255 13.65 16.33 -8.82
C GLY A 255 13.01 15.68 -7.58
N PRO A 256 13.74 14.77 -6.99
CA PRO A 256 13.30 14.04 -5.80
C PRO A 256 13.40 14.80 -4.52
N GLN A 257 12.26 15.37 -4.18
CA GLN A 257 12.04 16.08 -2.92
C GLN A 257 10.68 15.69 -2.38
N GLY A 258 9.69 15.89 -3.25
CA GLY A 258 8.29 15.58 -2.93
C GLY A 258 8.14 15.69 -1.42
N ASP A 259 8.91 16.62 -0.90
CA ASP A 259 8.97 16.92 0.52
C ASP A 259 9.67 15.77 1.26
N ALA A 260 9.69 14.59 0.63
CA ALA A 260 10.36 13.40 1.20
C ALA A 260 10.10 12.12 0.39
N GLY A 261 11.15 11.32 0.31
CA GLY A 261 11.16 10.01 -0.37
C GLY A 261 11.35 8.92 0.68
N VAL A 262 10.61 7.82 0.53
CA VAL A 262 10.65 6.74 1.49
C VAL A 262 10.57 5.36 0.83
N THR A 263 11.07 4.32 1.50
CA THR A 263 11.00 2.97 0.99
C THR A 263 9.71 2.30 1.43
N GLY A 264 9.16 1.45 0.56
CA GLY A 264 7.90 0.76 0.86
C GLY A 264 6.59 1.54 0.73
N ARG A 265 6.62 2.74 0.15
CA ARG A 265 5.40 3.55 -0.01
C ARG A 265 4.77 3.48 -1.40
N LYS A 266 5.22 2.59 -2.27
CA LYS A 266 4.71 2.53 -3.63
C LYS A 266 4.36 1.08 -3.95
N ILE A 267 3.71 0.47 -2.98
CA ILE A 267 3.22 -0.90 -2.94
C ILE A 267 2.29 -1.31 -4.07
N ILE A 268 1.47 -0.40 -4.56
CA ILE A 268 0.57 -0.75 -5.63
C ILE A 268 1.25 -0.60 -6.98
N VAL A 269 2.14 0.38 -7.20
CA VAL A 269 2.80 0.45 -8.51
C VAL A 269 3.87 -0.66 -8.67
N ASP A 270 4.25 -1.31 -7.57
CA ASP A 270 5.23 -2.38 -7.57
C ASP A 270 4.60 -3.70 -7.92
N THR A 271 3.26 -3.74 -7.89
CA THR A 271 2.56 -4.97 -8.14
C THR A 271 1.55 -4.98 -9.28
N TYR A 272 0.28 -4.77 -8.98
CA TYR A 272 -0.75 -4.88 -10.03
C TYR A 272 -1.53 -3.65 -10.43
N GLY A 273 -1.10 -2.49 -9.97
CA GLY A 273 -1.79 -1.26 -10.32
C GLY A 273 -3.21 -1.18 -9.84
N GLY A 274 -3.50 -1.76 -8.67
CA GLY A 274 -4.84 -1.76 -8.08
C GLY A 274 -5.74 -2.89 -8.52
N TRP A 275 -5.14 -3.91 -9.14
CA TRP A 275 -5.88 -5.01 -9.69
C TRP A 275 -6.06 -6.38 -9.03
N GLY A 276 -5.14 -6.86 -8.21
CA GLY A 276 -5.42 -8.18 -7.66
C GLY A 276 -5.96 -7.94 -6.29
N ALA A 277 -5.13 -8.27 -5.33
CA ALA A 277 -5.42 -8.02 -3.95
C ALA A 277 -4.01 -7.77 -3.42
N HIS A 278 -3.91 -6.96 -2.35
CA HIS A 278 -2.63 -6.66 -1.74
C HIS A 278 -2.82 -6.55 -0.25
N GLY A 279 -2.06 -7.36 0.48
CA GLY A 279 -2.13 -7.40 1.92
C GLY A 279 -1.36 -6.36 2.68
N GLY A 280 -0.51 -5.60 1.98
CA GLY A 280 0.28 -4.57 2.63
C GLY A 280 1.79 -4.62 2.74
N GLY A 281 2.39 -5.80 2.52
CA GLY A 281 3.83 -5.92 2.61
C GLY A 281 4.62 -5.32 1.48
N ALA A 282 5.62 -4.53 1.82
CA ALA A 282 6.49 -3.90 0.85
C ALA A 282 7.62 -4.88 0.56
N PHE A 283 8.27 -4.70 -0.59
CA PHE A 283 9.34 -5.58 -1.02
C PHE A 283 10.74 -5.07 -0.82
N SER A 284 11.05 -3.88 -1.31
CA SER A 284 12.40 -3.38 -1.26
C SER A 284 13.07 -3.29 0.08
N GLY A 285 14.33 -3.75 0.17
CA GLY A 285 15.08 -3.70 1.42
C GLY A 285 14.99 -4.95 2.26
N LYS A 286 14.12 -5.86 1.88
CA LYS A 286 13.90 -7.13 2.58
C LYS A 286 14.54 -8.19 1.72
N ASP A 287 15.29 -9.11 2.34
CA ASP A 287 15.96 -10.18 1.61
C ASP A 287 14.99 -11.28 1.30
N TYR A 288 15.47 -12.31 0.63
CA TYR A 288 14.65 -13.43 0.21
C TYR A 288 14.09 -14.34 1.31
N THR A 289 14.40 -14.09 2.58
CA THR A 289 13.86 -14.89 3.68
C THR A 289 12.50 -14.41 4.18
N LYS A 290 12.11 -13.21 3.76
CA LYS A 290 10.82 -12.63 4.17
C LYS A 290 9.73 -13.10 3.23
N VAL A 291 8.71 -13.79 3.76
CA VAL A 291 7.60 -14.30 2.92
C VAL A 291 6.91 -13.22 2.13
N ASP A 292 6.97 -11.99 2.63
CA ASP A 292 6.39 -10.84 1.95
C ASP A 292 6.94 -10.70 0.56
N ARG A 293 8.21 -11.01 0.38
CA ARG A 293 8.80 -10.88 -0.92
C ARG A 293 8.67 -12.20 -1.69
N SER A 294 9.41 -13.20 -1.26
CA SER A 294 9.42 -14.50 -1.88
C SER A 294 8.12 -15.08 -2.30
N ALA A 295 7.24 -15.27 -1.31
CA ALA A 295 5.93 -15.87 -1.51
C ALA A 295 5.01 -15.08 -2.42
N ALA A 296 5.18 -13.75 -2.43
CA ALA A 296 4.40 -12.89 -3.31
C ALA A 296 4.82 -13.21 -4.74
N TYR A 297 6.13 -13.41 -4.93
CA TYR A 297 6.72 -13.77 -6.21
C TYR A 297 6.25 -15.16 -6.61
N ALA A 298 6.28 -16.12 -5.69
CA ALA A 298 5.79 -17.47 -5.94
C ALA A 298 4.33 -17.48 -6.39
N ALA A 299 3.47 -16.70 -5.72
CA ALA A 299 2.05 -16.59 -6.06
C ALA A 299 1.83 -15.96 -7.43
N ARG A 300 2.70 -15.04 -7.86
CA ARG A 300 2.60 -14.42 -9.21
C ARG A 300 2.94 -15.54 -10.20
N TRP A 301 4.00 -16.26 -9.90
CA TRP A 301 4.47 -17.37 -10.69
C TRP A 301 3.35 -18.34 -10.99
N VAL A 302 2.66 -18.89 -10.00
CA VAL A 302 1.61 -19.84 -10.32
C VAL A 302 0.48 -19.17 -11.04
N ALA A 303 0.13 -17.95 -10.69
CA ALA A 303 -0.93 -17.27 -11.40
C ALA A 303 -0.53 -17.21 -12.87
N LYS A 304 0.67 -16.71 -13.17
CA LYS A 304 1.12 -16.60 -14.57
C LYS A 304 1.13 -17.97 -15.28
N SER A 305 1.60 -19.01 -14.61
CA SER A 305 1.68 -20.37 -15.15
C SER A 305 0.31 -20.87 -15.54
N LEU A 306 -0.68 -20.65 -14.65
CA LEU A 306 -2.05 -21.09 -14.87
C LEU A 306 -2.66 -20.47 -16.12
N VAL A 307 -2.64 -19.17 -16.26
CA VAL A 307 -3.23 -18.65 -17.48
C VAL A 307 -2.40 -19.07 -18.71
N LYS A 308 -1.09 -19.12 -18.57
CA LYS A 308 -0.23 -19.51 -19.68
C LYS A 308 -0.54 -20.94 -20.15
N ALA A 309 -0.84 -21.84 -19.21
CA ALA A 309 -1.18 -23.23 -19.50
C ALA A 309 -2.61 -23.41 -19.99
N GLY A 310 -3.26 -22.31 -20.39
CA GLY A 310 -4.63 -22.34 -20.88
C GLY A 310 -5.71 -22.68 -19.87
N LEU A 311 -5.33 -22.98 -18.62
CA LEU A 311 -6.25 -23.34 -17.55
C LEU A 311 -7.21 -22.27 -17.02
N CYS A 312 -7.11 -21.02 -17.50
CA CYS A 312 -7.98 -19.90 -17.08
C CYS A 312 -7.51 -18.67 -17.81
N ARG A 313 -8.37 -17.67 -17.92
CA ARG A 313 -8.02 -16.42 -18.59
C ARG A 313 -7.65 -15.30 -17.63
N ARG A 314 -7.95 -15.53 -16.36
CA ARG A 314 -7.71 -14.54 -15.30
C ARG A 314 -7.75 -15.24 -13.93
N VAL A 315 -6.67 -15.11 -13.14
CA VAL A 315 -6.63 -15.74 -11.80
C VAL A 315 -6.15 -14.86 -10.69
N LEU A 316 -6.68 -15.16 -9.53
CA LEU A 316 -6.30 -14.51 -8.29
C LEU A 316 -5.98 -15.67 -7.34
N VAL A 317 -4.70 -16.04 -7.27
CA VAL A 317 -4.25 -17.11 -6.38
C VAL A 317 -3.85 -16.49 -5.02
N GLN A 318 -4.34 -17.13 -3.96
CA GLN A 318 -4.17 -16.66 -2.62
C GLN A 318 -3.45 -17.71 -1.81
N VAL A 319 -2.21 -17.42 -1.38
CA VAL A 319 -1.49 -18.40 -0.59
C VAL A 319 -1.26 -17.95 0.89
N SER A 320 -1.72 -18.77 1.83
CA SER A 320 -1.61 -18.48 3.26
C SER A 320 -0.53 -19.28 3.93
N TYR A 321 0.13 -18.65 4.89
CA TYR A 321 1.18 -19.29 5.64
C TYR A 321 0.90 -19.11 7.11
N ALA A 322 1.43 -20.03 7.89
CA ALA A 322 1.28 -20.03 9.34
C ALA A 322 2.67 -19.93 9.98
N ILE A 323 2.82 -18.98 10.91
CA ILE A 323 4.09 -18.79 11.57
C ILE A 323 4.60 -20.10 12.07
N GLY A 324 5.79 -20.44 11.61
CA GLY A 324 6.42 -21.66 12.05
C GLY A 324 6.34 -22.78 11.05
N VAL A 325 5.19 -22.93 10.40
CA VAL A 325 4.98 -23.98 9.43
C VAL A 325 5.63 -23.67 8.08
N ALA A 326 6.26 -24.68 7.48
CA ALA A 326 6.89 -24.55 6.16
C ALA A 326 5.86 -24.66 4.97
N GLU A 327 5.05 -25.71 4.97
CA GLU A 327 4.11 -25.93 3.90
C GLU A 327 2.99 -24.92 4.05
N PRO A 328 2.55 -24.32 2.93
CA PRO A 328 1.46 -23.32 2.95
C PRO A 328 0.23 -23.79 3.71
N LEU A 329 -0.30 -22.91 4.56
CA LEU A 329 -1.50 -23.19 5.35
C LEU A 329 -2.69 -22.74 4.54
N SER A 330 -2.97 -23.40 3.43
CA SER A 330 -4.09 -23.07 2.57
C SER A 330 -3.91 -22.13 1.40
N ILE A 331 -3.88 -22.71 0.20
CA ILE A 331 -3.85 -21.91 -1.01
C ILE A 331 -5.27 -21.93 -1.64
N SER A 332 -5.74 -20.78 -2.13
CA SER A 332 -7.05 -20.63 -2.77
C SER A 332 -6.86 -20.12 -4.17
N ILE A 333 -7.62 -20.66 -5.13
CA ILE A 333 -7.52 -20.24 -6.53
C ILE A 333 -8.81 -19.59 -6.95
N PHE A 334 -8.80 -18.33 -7.36
CA PHE A 334 -10.05 -17.71 -7.80
C PHE A 334 -9.95 -17.32 -9.27
N THR A 335 -10.63 -18.08 -10.10
CA THR A 335 -10.68 -17.83 -11.53
C THR A 335 -11.94 -16.98 -11.48
N TYR A 336 -12.29 -16.27 -12.53
CA TYR A 336 -13.51 -15.49 -12.36
C TYR A 336 -14.52 -16.09 -13.29
N GLY A 337 -14.67 -17.40 -13.07
CA GLY A 337 -15.52 -18.24 -13.89
C GLY A 337 -14.89 -18.31 -15.26
N THR A 338 -13.56 -18.18 -15.35
CA THR A 338 -12.88 -18.21 -16.66
C THR A 338 -12.10 -19.51 -16.96
N SER A 339 -12.17 -20.48 -16.05
CA SER A 339 -11.50 -21.76 -16.23
C SER A 339 -12.52 -22.84 -16.57
N LYS A 340 -12.12 -23.84 -17.34
CA LYS A 340 -13.05 -24.91 -17.61
C LYS A 340 -12.89 -26.04 -16.58
N LYS A 341 -11.68 -26.10 -15.99
CA LYS A 341 -11.32 -27.10 -15.01
C LYS A 341 -12.04 -27.05 -13.62
N THR A 342 -12.32 -25.89 -13.09
CA THR A 342 -13.07 -25.76 -11.79
C THR A 342 -12.17 -25.80 -10.56
N GLU A 343 -12.17 -24.68 -9.86
CA GLU A 343 -11.43 -24.54 -8.61
C GLU A 343 -11.72 -25.77 -7.75
N ARG A 344 -10.62 -26.42 -7.43
CA ARG A 344 -10.54 -27.68 -6.65
C ARG A 344 -10.57 -28.88 -7.63
N GLU A 345 -9.87 -28.54 -8.70
CA GLU A 345 -9.43 -29.34 -9.88
C GLU A 345 -8.14 -28.61 -10.22
N LEU A 346 -8.25 -27.28 -10.32
CA LEU A 346 -7.12 -26.41 -10.55
C LEU A 346 -6.24 -26.41 -9.29
N LEU A 347 -6.85 -26.64 -8.11
CA LEU A 347 -6.07 -26.67 -6.88
C LEU A 347 -5.16 -27.90 -6.91
N GLU A 348 -5.63 -29.02 -7.48
CA GLU A 348 -4.76 -30.20 -7.55
C GLU A 348 -3.64 -30.00 -8.55
N VAL A 349 -3.94 -29.29 -9.62
CA VAL A 349 -2.95 -29.00 -10.65
C VAL A 349 -1.81 -28.19 -9.99
N VAL A 350 -2.17 -27.30 -9.07
CA VAL A 350 -1.19 -26.48 -8.35
C VAL A 350 -0.44 -27.30 -7.33
N ASN A 351 -1.14 -28.15 -6.60
CA ASN A 351 -0.47 -28.99 -5.61
C ASN A 351 0.35 -30.10 -6.22
N LYS A 352 0.17 -30.35 -7.51
CA LYS A 352 0.96 -31.38 -8.18
C LYS A 352 2.13 -30.80 -8.98
N ASN A 353 2.11 -29.48 -9.20
CA ASN A 353 3.17 -28.82 -9.97
C ASN A 353 4.00 -27.81 -9.19
N PHE A 354 3.56 -27.43 -7.99
CA PHE A 354 4.29 -26.45 -7.18
C PHE A 354 4.54 -26.80 -5.71
N ASP A 355 5.72 -26.44 -5.20
CA ASP A 355 6.08 -26.65 -3.79
C ASP A 355 6.40 -25.28 -3.19
N LEU A 356 5.33 -24.58 -2.80
CA LEU A 356 5.42 -23.25 -2.27
C LEU A 356 5.98 -23.07 -0.87
N ARG A 357 6.76 -24.05 -0.39
CA ARG A 357 7.38 -23.90 0.93
C ARG A 357 8.45 -22.83 0.70
N PRO A 358 8.60 -21.89 1.64
CA PRO A 358 9.58 -20.82 1.55
C PRO A 358 10.95 -21.17 1.00
N GLY A 359 11.59 -22.18 1.57
CA GLY A 359 12.92 -22.59 1.14
C GLY A 359 12.97 -23.11 -0.27
N VAL A 360 11.94 -23.85 -0.66
CA VAL A 360 11.88 -24.38 -2.01
C VAL A 360 11.65 -23.21 -2.95
N ILE A 361 10.86 -22.21 -2.53
CA ILE A 361 10.62 -21.03 -3.36
C ILE A 361 11.94 -20.32 -3.69
N VAL A 362 12.75 -19.98 -2.69
CA VAL A 362 14.00 -19.30 -2.97
C VAL A 362 14.90 -20.16 -3.82
N ARG A 363 14.88 -21.48 -3.64
CA ARG A 363 15.73 -22.35 -4.45
C ARG A 363 15.28 -22.41 -5.89
N ASP A 364 13.98 -22.60 -6.13
CA ASP A 364 13.47 -22.69 -7.48
C ASP A 364 13.48 -21.39 -8.24
N LEU A 365 13.29 -20.28 -7.53
CA LEU A 365 13.27 -18.99 -8.19
C LEU A 365 14.61 -18.27 -8.20
N ASP A 366 15.64 -18.94 -7.70
CA ASP A 366 17.01 -18.41 -7.68
C ASP A 366 16.99 -17.06 -6.97
N LEU A 367 16.42 -17.04 -5.78
CA LEU A 367 16.25 -15.82 -5.02
C LEU A 367 17.42 -15.30 -4.21
N LYS A 368 18.60 -15.92 -4.35
CA LYS A 368 19.77 -15.44 -3.65
C LYS A 368 20.59 -14.58 -4.61
N LYS A 369 20.09 -14.46 -5.82
CA LYS A 369 20.73 -13.70 -6.87
C LYS A 369 20.47 -12.20 -6.73
N PRO A 370 21.49 -11.38 -6.95
CA PRO A 370 21.34 -9.94 -6.84
C PRO A 370 20.60 -9.35 -8.04
N ILE A 371 19.29 -9.56 -8.10
CA ILE A 371 18.46 -9.00 -9.18
C ILE A 371 17.52 -7.95 -8.63
N TYR A 372 17.55 -7.77 -7.31
CA TYR A 372 16.65 -6.86 -6.64
C TYR A 372 16.54 -5.39 -7.06
N GLN A 373 17.64 -4.71 -7.35
CA GLN A 373 17.52 -3.33 -7.75
C GLN A 373 16.70 -3.15 -9.03
N LYS A 374 16.78 -4.12 -9.98
CA LYS A 374 16.02 -4.00 -11.24
C LYS A 374 14.55 -4.21 -11.03
N THR A 375 14.25 -4.83 -9.90
CA THR A 375 12.93 -5.11 -9.41
C THR A 375 12.30 -3.84 -8.78
N ALA A 376 13.15 -2.95 -8.28
CA ALA A 376 12.77 -1.72 -7.58
C ALA A 376 12.15 -0.56 -8.30
N CYS A 377 11.99 -0.64 -9.62
CA CYS A 377 11.31 0.41 -10.35
C CYS A 377 10.72 -0.24 -11.56
N TYR A 378 9.61 0.28 -12.04
CA TYR A 378 8.90 -0.25 -13.23
C TYR A 378 8.15 -1.54 -12.99
N GLY A 379 7.90 -1.84 -11.70
CA GLY A 379 7.14 -3.04 -11.34
C GLY A 379 7.85 -4.35 -11.14
N HIS A 380 7.35 -5.12 -10.20
CA HIS A 380 7.95 -6.41 -9.90
C HIS A 380 7.37 -7.52 -10.74
N PHE A 381 6.20 -7.26 -11.31
CA PHE A 381 5.49 -8.24 -12.10
C PHE A 381 5.33 -7.82 -13.57
N GLY A 382 5.47 -8.76 -14.50
CA GLY A 382 5.33 -8.44 -15.90
C GLY A 382 6.58 -8.68 -16.72
N ARG A 383 7.73 -8.23 -16.25
CA ARG A 383 8.99 -8.41 -16.98
C ARG A 383 9.48 -9.84 -16.92
N SER A 384 9.67 -10.45 -18.08
CA SER A 384 10.09 -11.84 -18.21
C SER A 384 11.48 -12.18 -17.73
N GLU A 385 12.31 -11.18 -17.53
CA GLU A 385 13.67 -11.41 -17.08
C GLU A 385 13.82 -11.87 -15.66
N PHE A 386 12.70 -11.98 -14.94
CA PHE A 386 12.66 -12.40 -13.55
C PHE A 386 12.17 -13.80 -13.46
N PRO A 387 12.81 -14.64 -12.67
CA PRO A 387 12.44 -16.05 -12.51
C PRO A 387 10.96 -16.31 -12.31
N TRP A 388 10.31 -15.52 -11.47
CA TRP A 388 8.89 -15.74 -11.20
C TRP A 388 7.98 -15.43 -12.39
N GLU A 389 8.55 -14.83 -13.43
CA GLU A 389 7.81 -14.48 -14.63
C GLU A 389 8.02 -15.50 -15.75
N VAL A 390 8.77 -16.57 -15.50
CA VAL A 390 8.92 -17.62 -16.50
C VAL A 390 7.87 -18.64 -16.04
N PRO A 391 6.84 -18.85 -16.85
CA PRO A 391 5.79 -19.80 -16.51
C PRO A 391 6.30 -21.24 -16.36
N LYS A 392 5.82 -21.95 -15.35
CA LYS A 392 6.21 -23.34 -15.15
C LYS A 392 5.44 -24.18 -16.15
N LYS A 393 5.98 -25.34 -16.51
CA LYS A 393 5.33 -26.24 -17.46
C LYS A 393 3.89 -26.59 -17.04
N LEU A 394 3.71 -27.23 -15.89
CA LEU A 394 2.37 -27.62 -15.42
C LEU A 394 1.87 -28.87 -16.07
N VAL A 395 2.22 -30.03 -15.54
CA VAL A 395 1.73 -31.24 -16.18
C VAL A 395 0.23 -31.53 -16.06
N PHE A 396 -0.53 -30.64 -15.41
CA PHE A 396 -1.98 -30.86 -15.21
C PHE A 396 -2.05 -32.17 -14.42
N GLY B 17 -18.00 -22.43 0.22
CA GLY B 17 -16.84 -22.27 -0.73
C GLY B 17 -15.51 -21.96 -0.05
N ALA B 18 -15.33 -22.54 1.14
CA ALA B 18 -14.15 -22.37 1.96
C ALA B 18 -12.86 -21.77 1.39
N PHE B 19 -12.29 -20.90 2.19
CA PHE B 19 -11.02 -20.25 1.91
C PHE B 19 -10.64 -19.63 3.23
N MET B 20 -9.38 -19.20 3.36
CA MET B 20 -9.00 -18.56 4.62
C MET B 20 -8.48 -17.14 4.34
N PHE B 21 -8.46 -16.30 5.35
CA PHE B 21 -7.99 -14.95 5.12
C PHE B 21 -7.35 -14.40 6.36
N THR B 22 -6.32 -13.58 6.18
CA THR B 22 -5.59 -12.97 7.28
C THR B 22 -5.54 -11.47 7.08
N SER B 23 -5.58 -10.72 8.19
CA SER B 23 -5.45 -9.27 8.17
C SER B 23 -4.61 -8.88 9.35
N GLU B 24 -4.10 -7.65 9.35
CA GLU B 24 -3.26 -7.20 10.44
C GLU B 24 -3.58 -5.76 10.72
N SER B 25 -3.14 -5.30 11.88
CA SER B 25 -3.31 -3.92 12.30
C SER B 25 -2.15 -3.61 13.22
N VAL B 26 -1.86 -2.33 13.44
CA VAL B 26 -0.77 -1.97 14.34
C VAL B 26 -1.24 -0.96 15.40
N GLY B 27 -0.55 -0.98 16.54
CA GLY B 27 -0.90 -0.06 17.60
C GLY B 27 -0.42 1.35 17.35
N GLU B 28 -0.82 2.24 18.24
CA GLU B 28 -0.49 3.67 18.17
C GLU B 28 0.95 3.98 18.26
N GLY B 29 1.76 3.03 18.70
CA GLY B 29 3.18 3.28 18.83
C GLY B 29 4.05 2.67 17.77
N HIS B 30 3.44 1.90 16.87
CA HIS B 30 4.20 1.34 15.77
C HIS B 30 4.71 2.63 15.11
N PRO B 31 6.00 2.72 14.79
CA PRO B 31 6.64 3.86 14.16
C PRO B 31 5.92 4.49 12.97
N ASP B 32 5.41 3.68 12.04
CA ASP B 32 4.71 4.22 10.89
C ASP B 32 3.45 4.95 11.34
N LYS B 33 2.71 4.30 12.24
CA LYS B 33 1.49 4.87 12.78
C LYS B 33 1.80 6.06 13.66
N ILE B 34 2.98 6.13 14.26
CA ILE B 34 3.30 7.31 15.06
C ILE B 34 3.34 8.47 14.09
N CYS B 35 3.95 8.26 12.92
CA CYS B 35 4.07 9.28 11.89
C CYS B 35 2.74 9.68 11.27
N ASP B 36 1.86 8.71 11.03
CA ASP B 36 0.55 8.98 10.46
C ASP B 36 -0.20 9.84 11.41
N GLN B 37 -0.08 9.58 12.71
CA GLN B 37 -0.79 10.37 13.72
C GLN B 37 -0.25 11.80 13.86
N ILE B 38 1.07 11.94 13.96
CA ILE B 38 1.65 13.26 14.05
C ILE B 38 1.25 14.09 12.85
N SER B 39 1.27 13.52 11.64
CA SER B 39 0.91 14.26 10.42
C SER B 39 -0.54 14.75 10.43
N ASP B 40 -1.43 13.91 10.94
CA ASP B 40 -2.84 14.24 11.07
C ASP B 40 -3.10 15.17 12.26
N ALA B 41 -2.23 15.17 13.27
CA ALA B 41 -2.40 16.07 14.39
C ALA B 41 -2.05 17.45 13.86
N VAL B 42 -1.06 17.52 12.98
CA VAL B 42 -0.67 18.80 12.42
C VAL B 42 -1.82 19.30 11.52
N LEU B 43 -2.54 18.38 10.87
CA LEU B 43 -3.68 18.75 10.03
C LEU B 43 -4.84 19.26 10.92
N ASP B 44 -5.12 18.57 12.04
CA ASP B 44 -6.16 18.99 12.98
C ASP B 44 -5.83 20.38 13.49
N ALA B 45 -4.61 20.56 14.01
CA ALA B 45 -4.16 21.88 14.50
C ALA B 45 -4.37 23.05 13.54
N HIS B 46 -4.41 22.80 12.23
CA HIS B 46 -4.65 23.88 11.29
C HIS B 46 -6.15 24.06 11.02
N LEU B 47 -6.88 22.96 10.92
CA LEU B 47 -8.30 23.04 10.64
C LEU B 47 -9.06 23.83 11.73
N LYS B 48 -8.68 23.61 12.98
CA LYS B 48 -9.28 24.33 14.10
C LYS B 48 -9.17 25.85 14.02
N GLN B 49 -8.21 26.38 13.26
CA GLN B 49 -8.06 27.81 13.16
C GLN B 49 -8.26 28.33 11.76
N ASP B 50 -8.32 27.43 10.79
CA ASP B 50 -8.52 27.79 9.40
C ASP B 50 -8.96 26.53 8.66
N PRO B 51 -10.28 26.29 8.56
CA PRO B 51 -10.89 25.13 7.90
C PRO B 51 -10.59 25.02 6.43
N ASN B 52 -9.86 26.00 5.89
CA ASN B 52 -9.47 26.02 4.49
C ASN B 52 -7.97 25.93 4.36
N ALA B 53 -7.32 25.67 5.49
CA ALA B 53 -5.88 25.52 5.50
C ALA B 53 -5.57 24.41 4.52
N LYS B 54 -4.55 24.61 3.72
CA LYS B 54 -4.12 23.61 2.76
C LYS B 54 -2.92 22.88 3.38
N VAL B 55 -3.13 21.64 3.78
CA VAL B 55 -2.09 20.83 4.41
C VAL B 55 -1.52 19.64 3.59
N ALA B 56 -0.21 19.60 3.48
CA ALA B 56 0.42 18.52 2.77
C ALA B 56 1.68 18.28 3.57
N CYS B 57 1.59 17.43 4.60
CA CYS B 57 2.77 17.15 5.38
C CYS B 57 2.96 15.66 5.69
N GLU B 58 4.19 15.30 6.03
CA GLU B 58 4.56 13.95 6.39
C GLU B 58 5.57 14.01 7.50
N THR B 59 5.68 12.91 8.21
CA THR B 59 6.56 12.82 9.35
C THR B 59 7.40 11.57 9.17
N VAL B 60 8.64 11.64 9.66
CA VAL B 60 9.59 10.54 9.64
C VAL B 60 10.14 10.44 11.06
N CYS B 61 10.30 9.24 11.60
CA CYS B 61 10.81 9.11 12.95
C CYS B 61 11.77 7.94 13.10
N LYS B 62 12.68 8.07 14.06
CA LYS B 62 13.70 7.08 14.32
C LYS B 62 14.26 7.30 15.71
N THR B 63 13.76 6.52 16.68
CA THR B 63 14.20 6.61 18.08
C THR B 63 14.48 8.00 18.67
N GLY B 64 13.45 8.69 19.14
CA GLY B 64 13.72 9.98 19.73
C GLY B 64 14.27 10.98 18.76
N MET B 65 13.80 10.84 17.52
CA MET B 65 14.14 11.70 16.40
C MET B 65 12.88 11.74 15.54
N VAL B 66 12.25 12.89 15.48
CA VAL B 66 11.05 13.08 14.72
C VAL B 66 11.28 14.24 13.74
N LEU B 67 11.05 14.01 12.45
CA LEU B 67 11.23 15.02 11.41
C LEU B 67 9.90 15.32 10.76
N LEU B 68 9.50 16.58 10.81
CA LEU B 68 8.25 17.02 10.21
C LEU B 68 8.60 17.74 8.92
N CYS B 69 8.05 17.27 7.80
CA CYS B 69 8.27 17.84 6.47
C CYS B 69 6.95 18.30 5.92
N GLY B 70 7.01 19.04 4.83
CA GLY B 70 5.76 19.47 4.22
C GLY B 70 5.58 20.91 3.82
N GLU B 71 4.57 21.11 2.98
CA GLU B 71 4.20 22.40 2.48
C GLU B 71 2.81 22.61 2.99
N ILE B 72 2.58 23.60 3.85
CA ILE B 72 1.21 23.86 4.23
C ILE B 72 0.86 25.34 4.14
N THR B 73 -0.14 25.65 3.31
CA THR B 73 -0.63 27.03 3.07
C THR B 73 -1.79 27.27 4.01
N SER B 74 -1.57 28.07 5.03
CA SER B 74 -2.62 28.27 6.01
C SER B 74 -2.44 29.59 6.71
N MET B 75 -3.43 29.91 7.52
CA MET B 75 -3.39 31.15 8.24
C MET B 75 -3.87 30.93 9.66
N ALA B 76 -3.05 30.15 10.37
CA ALA B 76 -3.27 29.83 11.76
C ALA B 76 -1.88 29.81 12.35
N MET B 77 -1.76 30.18 13.62
CA MET B 77 -0.46 30.22 14.26
C MET B 77 -0.34 28.92 15.02
N ILE B 78 0.60 28.07 14.60
CA ILE B 78 0.77 26.77 15.24
C ILE B 78 2.15 26.53 15.82
N ASP B 79 2.16 25.92 17.01
CA ASP B 79 3.39 25.55 17.70
C ASP B 79 3.60 24.06 17.40
N TYR B 80 4.32 23.78 16.31
CA TYR B 80 4.61 22.42 15.83
C TYR B 80 5.35 21.59 16.86
N GLN B 81 6.17 22.24 17.67
CA GLN B 81 6.90 21.55 18.71
C GLN B 81 5.85 20.99 19.63
N ARG B 82 4.86 21.82 19.91
CA ARG B 82 3.74 21.50 20.79
C ARG B 82 2.83 20.43 20.20
N VAL B 83 2.47 20.53 18.93
CA VAL B 83 1.60 19.49 18.40
C VAL B 83 2.29 18.18 18.15
N VAL B 84 3.62 18.18 18.01
CA VAL B 84 4.34 16.95 17.79
C VAL B 84 4.50 16.23 19.13
N ARG B 85 4.98 16.93 20.15
CA ARG B 85 5.20 16.36 21.48
C ARG B 85 3.93 15.94 22.18
N ASP B 86 2.88 16.71 22.03
CA ASP B 86 1.61 16.35 22.63
C ASP B 86 1.13 15.04 22.03
N THR B 87 1.35 14.83 20.72
CA THR B 87 0.92 13.60 20.04
C THR B 87 1.72 12.40 20.51
N ILE B 88 3.00 12.58 20.80
CA ILE B 88 3.84 11.50 21.29
C ILE B 88 3.41 11.16 22.74
N LYS B 89 3.09 12.19 23.50
CA LYS B 89 2.67 12.00 24.85
C LYS B 89 1.34 11.25 24.84
N HIS B 90 0.42 11.65 23.97
CA HIS B 90 -0.90 10.99 23.89
C HIS B 90 -0.72 9.52 23.59
N ILE B 91 0.19 9.20 22.68
CA ILE B 91 0.46 7.82 22.29
C ILE B 91 0.99 7.05 23.49
N GLY B 92 1.62 7.75 24.43
CA GLY B 92 2.13 7.10 25.63
C GLY B 92 3.61 7.05 25.81
N TYR B 93 4.35 7.86 25.06
CA TYR B 93 5.80 7.87 25.20
C TYR B 93 6.18 9.04 26.06
N ASP B 94 6.38 8.73 27.35
CA ASP B 94 6.70 9.74 28.35
C ASP B 94 7.96 9.40 29.13
N ASP B 95 8.29 8.11 29.12
CA ASP B 95 9.48 7.66 29.80
C ASP B 95 10.53 7.32 28.78
N SER B 96 11.73 7.17 29.30
CA SER B 96 12.95 6.96 28.48
C SER B 96 13.06 5.57 27.83
N ALA B 97 13.11 4.54 28.68
CA ALA B 97 13.19 3.15 28.27
C ALA B 97 12.16 2.70 27.22
N LYS B 98 11.04 3.45 27.10
CA LYS B 98 9.96 3.04 26.17
C LYS B 98 10.32 3.17 24.71
N GLY B 99 11.45 3.83 24.48
CA GLY B 99 11.89 4.07 23.13
C GLY B 99 11.52 5.48 22.70
N PHE B 100 10.96 6.29 23.58
CA PHE B 100 10.55 7.65 23.19
C PHE B 100 10.02 8.45 24.37
N ASP B 101 10.36 9.73 24.44
CA ASP B 101 9.87 10.57 25.52
C ASP B 101 9.60 11.90 24.89
N PHE B 102 8.35 12.29 24.81
CA PHE B 102 8.00 13.58 24.21
C PHE B 102 8.74 14.77 24.81
N LYS B 103 9.24 14.64 26.04
CA LYS B 103 9.98 15.72 26.68
C LYS B 103 11.43 15.82 26.23
N THR B 104 12.00 14.72 25.73
CA THR B 104 13.42 14.72 25.34
C THR B 104 13.78 14.45 23.89
N CYS B 105 12.83 13.95 23.11
CA CYS B 105 13.11 13.61 21.72
C CYS B 105 13.34 14.84 20.84
N ASN B 106 14.11 14.62 19.80
CA ASN B 106 14.45 15.61 18.79
C ASN B 106 13.33 15.79 17.80
N VAL B 107 12.77 16.99 17.77
CA VAL B 107 11.70 17.27 16.85
C VAL B 107 12.22 18.32 15.90
N LEU B 108 12.75 17.87 14.76
CA LEU B 108 13.29 18.78 13.78
C LEU B 108 12.21 19.14 12.81
N VAL B 109 11.78 20.40 12.83
CA VAL B 109 10.73 20.84 11.93
C VAL B 109 11.29 21.52 10.68
N ALA B 110 11.03 20.91 9.53
CA ALA B 110 11.50 21.41 8.24
C ALA B 110 10.33 21.75 7.35
N LEU B 111 9.22 22.12 7.98
CA LEU B 111 7.93 22.44 7.35
C LEU B 111 7.99 23.84 6.80
N GLU B 112 7.41 24.10 5.62
CA GLU B 112 7.38 25.47 5.04
C GLU B 112 5.92 25.93 5.14
N GLN B 113 5.66 27.08 5.78
CA GLN B 113 4.27 27.55 5.90
C GLN B 113 3.98 28.94 5.23
N GLN B 114 3.17 28.94 4.16
CA GLN B 114 2.78 30.17 3.46
C GLN B 114 1.63 30.86 4.22
N SER B 115 0.80 31.63 3.51
CA SER B 115 -0.30 32.37 4.15
C SER B 115 -1.73 32.50 3.54
N PRO B 116 -1.85 32.93 2.28
CA PRO B 116 -3.12 33.12 1.61
C PRO B 116 -3.59 31.93 0.73
N GLU B 129 -18.62 24.02 -4.40
CA GLU B 129 -19.55 22.85 -4.63
C GLU B 129 -19.21 22.10 -5.92
N ASP B 130 -18.94 22.84 -6.97
CA ASP B 130 -18.63 22.23 -8.25
C ASP B 130 -17.15 22.42 -8.54
N VAL B 131 -16.29 22.29 -7.52
CA VAL B 131 -14.85 22.52 -7.76
C VAL B 131 -14.21 21.84 -8.93
N GLY B 132 -13.97 20.54 -8.81
CA GLY B 132 -13.33 19.82 -9.89
C GLY B 132 -12.11 19.08 -9.39
N ALA B 133 -12.17 17.74 -9.54
CA ALA B 133 -11.14 16.80 -9.10
C ALA B 133 -9.72 17.07 -9.53
N GLY B 134 -8.80 17.11 -8.56
CA GLY B 134 -7.40 17.31 -8.89
C GLY B 134 -6.87 15.92 -9.16
N ASP B 135 -6.02 15.75 -10.17
CA ASP B 135 -5.43 14.44 -10.51
C ASP B 135 -6.40 13.33 -10.93
N GLN B 136 -6.35 12.87 -12.17
CA GLN B 136 -7.12 11.65 -12.55
C GLN B 136 -7.06 10.66 -11.36
N GLY B 137 -8.16 10.02 -10.99
CA GLY B 137 -8.03 9.12 -9.88
C GLY B 137 -9.04 8.05 -9.97
N LEU B 138 -8.90 7.00 -9.18
CA LEU B 138 -9.84 5.88 -9.14
C LEU B 138 -9.89 5.43 -7.68
N MET B 139 -10.98 5.71 -7.00
CA MET B 139 -11.10 5.34 -5.60
C MET B 139 -11.96 4.12 -5.48
N PHE B 140 -11.74 3.33 -4.44
CA PHE B 140 -12.51 2.10 -4.26
C PHE B 140 -13.27 2.17 -2.94
N GLY B 141 -14.39 1.48 -2.82
CA GLY B 141 -15.12 1.52 -1.57
C GLY B 141 -15.53 0.12 -1.29
N TYR B 142 -15.56 -0.32 -0.04
CA TYR B 142 -15.97 -1.70 0.21
C TYR B 142 -16.80 -1.85 1.48
N ALA B 143 -17.74 -2.78 1.45
CA ALA B 143 -18.60 -3.08 2.58
C ALA B 143 -19.06 -4.52 2.49
N THR B 144 -19.22 -5.13 3.65
CA THR B 144 -19.65 -6.52 3.73
C THR B 144 -20.52 -6.71 5.01
N ASP B 145 -21.56 -7.56 4.95
CA ASP B 145 -22.41 -7.72 6.12
C ASP B 145 -21.98 -8.73 7.18
N GLU B 146 -20.78 -9.28 7.09
CA GLU B 146 -20.35 -10.25 8.10
C GLU B 146 -20.16 -9.65 9.52
N THR B 147 -20.17 -8.34 9.62
CA THR B 147 -20.04 -7.67 10.92
C THR B 147 -20.96 -6.45 10.93
N GLU B 148 -21.38 -6.02 12.12
CA GLU B 148 -22.22 -4.84 12.21
C GLU B 148 -21.56 -3.58 11.65
N GLU B 149 -20.23 -3.49 11.73
CA GLU B 149 -19.46 -2.38 11.19
C GLU B 149 -19.47 -2.34 9.68
N CYS B 150 -19.81 -3.48 9.07
CA CYS B 150 -19.83 -3.64 7.59
C CYS B 150 -18.40 -3.72 7.06
N MET B 151 -17.55 -4.35 7.86
CA MET B 151 -16.15 -4.51 7.55
C MET B 151 -15.77 -5.96 7.77
N PRO B 152 -14.77 -6.44 7.03
CA PRO B 152 -14.26 -7.81 7.09
C PRO B 152 -13.99 -8.14 8.56
N LEU B 153 -14.36 -9.34 8.99
CA LEU B 153 -14.18 -9.72 10.39
C LEU B 153 -12.71 -9.67 10.80
N THR B 154 -11.91 -10.18 9.89
CA THR B 154 -10.48 -10.31 9.96
C THR B 154 -9.77 -9.01 10.37
N ILE B 155 -10.11 -7.89 9.73
CA ILE B 155 -9.48 -6.60 10.01
C ILE B 155 -10.16 -5.91 11.20
N VAL B 156 -11.46 -6.13 11.34
CA VAL B 156 -12.22 -5.58 12.46
C VAL B 156 -11.62 -6.10 13.76
N LEU B 157 -11.41 -7.42 13.83
CA LEU B 157 -10.84 -8.09 15.01
C LEU B 157 -9.40 -7.61 15.22
N ALA B 158 -8.62 -7.53 14.15
CA ALA B 158 -7.24 -7.08 14.25
C ALA B 158 -7.15 -5.70 14.90
N HIS B 159 -8.02 -4.80 14.46
CA HIS B 159 -8.08 -3.45 15.03
C HIS B 159 -8.55 -3.45 16.49
N LYS B 160 -9.68 -4.11 16.78
CA LYS B 160 -10.21 -4.16 18.14
C LYS B 160 -9.22 -4.73 19.10
N LEU B 161 -8.46 -5.70 18.63
CA LEU B 161 -7.45 -6.32 19.49
C LEU B 161 -6.45 -5.24 19.92
N ASN B 162 -6.04 -4.37 18.99
CA ASN B 162 -5.07 -3.33 19.35
C ASN B 162 -5.72 -2.27 20.23
N THR B 163 -6.94 -1.88 19.86
CA THR B 163 -7.74 -0.90 20.60
C THR B 163 -7.90 -1.32 22.05
N ARG B 164 -8.20 -2.58 22.28
CA ARG B 164 -8.35 -3.10 23.63
C ARG B 164 -7.07 -3.03 24.47
N MET B 165 -5.89 -3.31 23.92
CA MET B 165 -4.67 -3.25 24.73
C MET B 165 -4.32 -1.80 25.10
N ALA B 166 -4.83 -0.86 24.30
CA ALA B 166 -4.60 0.55 24.57
C ALA B 166 -5.48 0.96 25.73
N ASP B 167 -6.69 0.42 25.76
CA ASP B 167 -7.64 0.68 26.82
C ASP B 167 -7.07 0.21 28.12
N LEU B 168 -6.64 -1.04 28.15
CA LEU B 168 -6.04 -1.65 29.33
C LEU B 168 -4.76 -0.92 29.73
N ARG B 169 -4.05 -0.37 28.75
CA ARG B 169 -2.82 0.36 29.01
C ARG B 169 -3.22 1.66 29.69
N ARG B 170 -4.19 2.33 29.12
CA ARG B 170 -4.62 3.60 29.66
C ARG B 170 -5.49 3.55 30.94
N SER B 171 -6.14 2.42 31.21
CA SER B 171 -6.98 2.36 32.39
C SER B 171 -6.12 2.08 33.59
N GLY B 172 -5.14 1.21 33.39
CA GLY B 172 -4.25 0.82 34.46
C GLY B 172 -4.30 -0.68 34.61
N VAL B 173 -5.34 -1.29 34.05
CA VAL B 173 -5.54 -2.73 34.11
C VAL B 173 -4.29 -3.59 33.72
N LEU B 174 -3.64 -3.27 32.62
CA LEU B 174 -2.42 -4.00 32.28
C LEU B 174 -1.40 -2.88 32.18
N PRO B 175 -0.77 -2.49 33.30
CA PRO B 175 0.23 -1.41 33.37
C PRO B 175 1.62 -1.72 32.80
N TRP B 176 1.84 -2.95 32.34
CA TRP B 176 3.10 -3.34 31.72
C TRP B 176 3.06 -3.11 30.21
N LEU B 177 1.85 -2.96 29.69
CA LEU B 177 1.61 -2.74 28.28
C LEU B 177 2.22 -1.43 27.82
N ARG B 178 3.04 -1.47 26.77
CA ARG B 178 3.62 -0.26 26.18
C ARG B 178 2.93 -0.01 24.82
N PRO B 179 3.07 1.20 24.25
CA PRO B 179 2.45 1.57 22.99
C PRO B 179 2.56 0.79 21.69
N ASP B 180 3.72 0.23 21.40
CA ASP B 180 3.88 -0.45 20.15
C ASP B 180 3.40 -1.90 20.15
N SER B 181 2.51 -2.22 19.23
CA SER B 181 1.99 -3.55 19.08
C SER B 181 1.70 -3.87 17.64
N LYS B 182 1.50 -5.15 17.36
CA LYS B 182 1.12 -5.64 16.04
C LYS B 182 0.18 -6.80 16.25
N THR B 183 -0.85 -6.88 15.43
CA THR B 183 -1.86 -7.91 15.54
C THR B 183 -2.17 -8.51 14.19
N GLN B 184 -2.39 -9.83 14.13
CA GLN B 184 -2.75 -10.51 12.89
C GLN B 184 -3.82 -11.48 13.29
N VAL B 185 -4.91 -11.48 12.51
CA VAL B 185 -6.06 -12.35 12.73
C VAL B 185 -6.41 -13.14 11.48
N THR B 186 -6.35 -14.46 11.56
CA THR B 186 -6.68 -15.28 10.41
C THR B 186 -7.93 -16.09 10.71
N VAL B 187 -8.94 -15.85 9.90
CA VAL B 187 -10.26 -16.44 10.01
C VAL B 187 -10.61 -17.34 8.80
N GLN B 188 -11.21 -18.50 9.10
CA GLN B 188 -11.63 -19.44 8.07
C GLN B 188 -13.05 -19.06 7.61
N TYR B 189 -13.24 -18.97 6.30
CA TYR B 189 -14.54 -18.61 5.77
C TYR B 189 -15.19 -19.71 4.93
N VAL B 190 -16.31 -19.33 4.33
CA VAL B 190 -17.16 -20.18 3.48
C VAL B 190 -18.04 -19.21 2.68
N GLN B 191 -18.10 -19.35 1.36
CA GLN B 191 -18.96 -18.43 0.57
C GLN B 191 -20.41 -18.80 0.85
N ASP B 192 -21.34 -18.13 0.19
CA ASP B 192 -22.78 -18.41 0.38
C ASP B 192 -23.60 -17.76 -0.74
N ASN B 193 -23.91 -18.57 -1.75
CA ASN B 193 -24.68 -18.16 -2.94
C ASN B 193 -24.79 -16.63 -3.09
N GLY B 194 -23.62 -15.98 -3.06
CA GLY B 194 -23.52 -14.54 -3.11
C GLY B 194 -22.11 -14.34 -2.54
N ALA B 195 -21.98 -14.05 -1.24
CA ALA B 195 -20.62 -13.92 -0.75
C ALA B 195 -20.34 -13.82 0.77
N VAL B 196 -19.15 -14.36 1.13
CA VAL B 196 -18.44 -14.33 2.45
C VAL B 196 -18.94 -14.50 3.93
N ILE B 197 -18.94 -15.74 4.44
CA ILE B 197 -19.32 -15.92 5.86
C ILE B 197 -18.20 -16.45 6.78
N PRO B 198 -17.84 -15.69 7.80
CA PRO B 198 -16.78 -16.14 8.71
C PRO B 198 -17.28 -17.30 9.54
N VAL B 199 -16.41 -18.30 9.74
CA VAL B 199 -16.79 -19.48 10.51
C VAL B 199 -16.02 -19.53 11.84
N ARG B 200 -14.72 -19.29 11.79
CA ARG B 200 -13.94 -19.32 13.02
C ARG B 200 -12.59 -18.64 12.88
N VAL B 201 -12.07 -18.18 14.01
CA VAL B 201 -10.77 -17.54 14.04
C VAL B 201 -9.84 -18.74 14.12
N HIS B 202 -9.13 -18.97 13.03
CA HIS B 202 -8.16 -20.04 12.88
C HIS B 202 -6.91 -19.79 13.75
N THR B 203 -6.31 -18.63 13.62
CA THR B 203 -5.16 -18.28 14.44
C THR B 203 -5.07 -16.77 14.67
N ILE B 204 -4.48 -16.41 15.80
CA ILE B 204 -4.30 -15.02 16.21
C ILE B 204 -2.85 -14.82 16.65
N VAL B 205 -2.19 -13.80 16.10
CA VAL B 205 -0.82 -13.49 16.50
C VAL B 205 -0.77 -12.09 17.00
N ILE B 206 -0.27 -11.93 18.23
CA ILE B 206 -0.09 -10.61 18.82
C ILE B 206 1.24 -10.42 19.55
N SER B 207 1.83 -9.27 19.29
CA SER B 207 3.09 -8.90 19.89
C SER B 207 2.83 -7.49 20.37
N VAL B 208 3.19 -7.20 21.62
CA VAL B 208 3.05 -5.86 22.17
C VAL B 208 4.29 -5.56 22.98
N GLN B 209 4.73 -4.30 22.90
CA GLN B 209 5.90 -3.81 23.61
C GLN B 209 5.54 -3.88 25.10
N HIS B 210 6.54 -3.98 25.98
CA HIS B 210 6.24 -4.06 27.40
C HIS B 210 7.36 -3.62 28.32
N ASN B 211 6.98 -3.45 29.60
CA ASN B 211 7.92 -3.08 30.66
C ASN B 211 8.71 -4.35 31.07
N GLU B 212 9.88 -4.17 31.65
CA GLU B 212 10.74 -5.31 32.06
C GLU B 212 10.21 -6.25 33.16
N ASP B 213 9.57 -5.68 34.17
CA ASP B 213 9.04 -6.48 35.28
C ASP B 213 7.73 -7.17 34.97
N ILE B 214 7.73 -8.10 34.03
CA ILE B 214 6.51 -8.84 33.70
C ILE B 214 6.98 -10.04 32.94
N THR B 215 6.56 -11.21 33.37
CA THR B 215 6.99 -12.45 32.75
C THR B 215 6.30 -12.73 31.40
N LEU B 216 7.00 -13.46 30.53
CA LEU B 216 6.47 -13.84 29.25
C LEU B 216 5.22 -14.67 29.53
N GLU B 217 5.28 -15.48 30.56
CA GLU B 217 4.14 -16.30 30.93
C GLU B 217 2.93 -15.49 31.37
N ALA B 218 3.17 -14.40 32.11
CA ALA B 218 2.07 -13.56 32.56
C ALA B 218 1.49 -12.70 31.43
N MET B 219 2.33 -12.29 30.48
CA MET B 219 1.85 -11.49 29.36
C MET B 219 0.96 -12.33 28.48
N ARG B 220 1.41 -13.55 28.17
CA ARG B 220 0.67 -14.46 27.33
C ARG B 220 -0.72 -14.81 27.84
N GLU B 221 -0.82 -14.92 29.14
CA GLU B 221 -2.05 -15.25 29.81
C GLU B 221 -3.02 -14.05 29.74
N ALA B 222 -2.50 -12.86 30.01
CA ALA B 222 -3.33 -11.67 29.99
C ALA B 222 -3.79 -11.35 28.58
N LEU B 223 -2.98 -11.70 27.58
CA LEU B 223 -3.31 -11.44 26.17
C LEU B 223 -4.48 -12.30 25.72
N LYS B 224 -4.58 -13.52 26.26
CA LYS B 224 -5.65 -14.47 25.90
C LYS B 224 -6.96 -14.24 26.65
N GLU B 225 -6.85 -14.02 27.95
CA GLU B 225 -8.02 -13.79 28.78
C GLU B 225 -8.59 -12.41 28.66
N GLN B 226 -7.74 -11.45 28.91
CA GLN B 226 -8.12 -10.06 28.94
C GLN B 226 -8.24 -9.25 27.65
N VAL B 227 -7.54 -9.65 26.59
CA VAL B 227 -7.71 -8.90 25.35
C VAL B 227 -8.44 -9.75 24.28
N ILE B 228 -7.90 -10.92 23.93
CA ILE B 228 -8.54 -11.76 22.91
C ILE B 228 -9.94 -12.17 23.29
N LYS B 229 -10.09 -12.90 24.39
CA LYS B 229 -11.40 -13.37 24.84
C LYS B 229 -12.38 -12.26 25.20
N ALA B 230 -11.84 -11.08 25.46
CA ALA B 230 -12.67 -9.93 25.77
C ALA B 230 -13.14 -9.12 24.54
N VAL B 231 -12.73 -9.53 23.33
CA VAL B 231 -13.12 -8.82 22.11
C VAL B 231 -13.60 -9.74 21.02
N VAL B 232 -13.12 -10.98 20.98
CA VAL B 232 -13.54 -11.93 19.96
C VAL B 232 -14.81 -12.71 20.38
N PRO B 233 -15.88 -12.65 19.57
CA PRO B 233 -17.13 -13.33 19.86
C PRO B 233 -16.91 -14.84 20.07
N ALA B 234 -17.49 -15.37 21.16
CA ALA B 234 -17.42 -16.80 21.51
C ALA B 234 -17.63 -17.70 20.29
N LYS B 235 -18.62 -17.33 19.47
CA LYS B 235 -18.95 -18.04 18.24
C LYS B 235 -17.69 -18.39 17.42
N TYR B 236 -16.67 -17.53 17.47
CA TYR B 236 -15.44 -17.76 16.70
C TYR B 236 -14.23 -18.39 17.37
N LEU B 237 -14.14 -18.31 18.69
CA LEU B 237 -13.02 -18.94 19.38
C LEU B 237 -13.33 -20.41 19.55
N ASP B 238 -12.28 -21.22 19.52
CA ASP B 238 -12.37 -22.66 19.46
C ASP B 238 -11.41 -23.38 20.40
N GLU B 239 -11.44 -24.70 20.39
CA GLU B 239 -10.49 -25.50 21.20
C GLU B 239 -9.24 -25.68 20.35
N ASP B 240 -9.33 -25.28 19.08
CA ASP B 240 -8.24 -25.41 18.13
C ASP B 240 -7.56 -24.11 17.69
N THR B 241 -8.31 -23.00 17.79
CA THR B 241 -7.82 -21.69 17.46
C THR B 241 -6.35 -21.60 17.91
N ILE B 242 -5.46 -21.08 17.07
CA ILE B 242 -4.06 -21.01 17.46
C ILE B 242 -3.68 -19.63 17.94
N TYR B 243 -3.00 -19.58 19.07
CA TYR B 243 -2.58 -18.32 19.60
C TYR B 243 -1.08 -18.19 19.51
N HIS B 244 -0.60 -17.04 19.02
CA HIS B 244 0.83 -16.75 18.95
C HIS B 244 1.00 -15.41 19.64
N LEU B 245 1.21 -15.47 20.96
CA LEU B 245 1.32 -14.27 21.79
C LEU B 245 2.77 -14.00 22.18
N GLN B 246 3.28 -12.86 21.73
CA GLN B 246 4.68 -12.49 21.95
C GLN B 246 5.53 -13.65 21.42
N PRO B 247 5.37 -14.04 20.13
CA PRO B 247 6.14 -15.15 19.53
C PRO B 247 7.67 -15.00 19.57
N SER B 248 8.14 -13.80 19.33
CA SER B 248 9.57 -13.51 19.36
C SER B 248 10.12 -13.35 20.80
N GLY B 249 9.37 -13.78 21.82
CA GLY B 249 9.85 -13.64 23.19
C GLY B 249 9.58 -12.24 23.69
N ARG B 250 10.65 -11.48 24.04
CA ARG B 250 10.49 -10.10 24.58
C ARG B 250 10.73 -8.91 23.64
N PHE B 251 9.93 -7.86 23.87
CA PHE B 251 9.86 -6.61 23.08
C PHE B 251 9.73 -5.48 24.10
N VAL B 252 10.86 -5.09 24.70
CA VAL B 252 10.79 -4.10 25.77
C VAL B 252 11.13 -2.73 25.22
N ILE B 253 12.43 -2.50 25.07
CA ILE B 253 12.84 -1.19 24.56
C ILE B 253 12.63 -1.13 23.02
N GLY B 254 11.72 -1.98 22.52
CA GLY B 254 11.40 -2.01 21.09
C GLY B 254 10.67 -0.73 20.62
N GLY B 255 10.69 0.31 21.48
CA GLY B 255 10.08 1.58 21.08
C GLY B 255 10.44 1.99 19.66
N PRO B 256 9.56 2.78 19.02
CA PRO B 256 9.72 3.28 17.63
C PRO B 256 11.08 3.70 17.19
N GLN B 257 11.71 2.80 16.44
CA GLN B 257 13.05 3.04 15.87
C GLN B 257 12.63 2.27 14.59
N GLY B 258 12.04 1.08 14.81
CA GLY B 258 11.58 0.07 13.87
C GLY B 258 12.28 0.32 12.45
N ASP B 259 13.45 0.71 12.62
CA ASP B 259 14.37 1.20 11.53
C ASP B 259 13.77 2.22 10.67
N ALA B 260 13.28 3.28 11.34
CA ALA B 260 12.68 4.41 10.71
C ALA B 260 11.20 4.32 10.43
N GLY B 261 10.38 5.05 11.19
CA GLY B 261 8.95 5.16 10.87
C GLY B 261 8.69 6.23 9.80
N VAL B 262 7.57 6.04 9.12
CA VAL B 262 7.20 6.89 8.02
C VAL B 262 5.66 7.03 7.84
N THR B 263 5.26 8.12 7.19
CA THR B 263 3.85 8.37 6.93
C THR B 263 3.50 7.76 5.59
N GLY B 264 2.28 7.25 5.52
CA GLY B 264 1.80 6.63 4.31
C GLY B 264 2.24 5.24 3.98
N ARG B 265 2.85 4.52 4.91
CA ARG B 265 3.33 3.17 4.62
C ARG B 265 2.45 2.06 5.19
N LYS B 266 1.26 2.40 5.68
CA LYS B 266 0.40 1.40 6.30
C LYS B 266 -0.99 1.50 5.70
N ILE B 267 -0.98 1.64 4.39
CA ILE B 267 -2.10 1.79 3.49
C ILE B 267 -3.18 0.70 3.57
N ILE B 268 -2.77 -0.54 3.84
CA ILE B 268 -3.76 -1.61 3.91
C ILE B 268 -4.35 -1.73 5.31
N VAL B 269 -3.62 -1.44 6.38
CA VAL B 269 -4.25 -1.52 7.72
C VAL B 269 -5.16 -0.31 7.95
N ASP B 270 -5.03 0.73 7.11
CA ASP B 270 -5.85 1.96 7.22
C ASP B 270 -7.16 1.81 6.52
N THR B 271 -7.28 0.74 5.75
CA THR B 271 -8.48 0.53 4.99
C THR B 271 -9.23 -0.79 5.18
N TYR B 272 -8.97 -1.80 4.35
CA TYR B 272 -9.74 -3.03 4.44
C TYR B 272 -9.02 -4.30 4.81
N GLY B 273 -7.75 -4.20 5.21
CA GLY B 273 -7.01 -5.39 5.57
C GLY B 273 -6.78 -6.37 4.45
N GLY B 274 -6.61 -5.86 3.22
CA GLY B 274 -6.38 -6.68 2.05
C GLY B 274 -7.62 -7.19 1.36
N TRP B 275 -8.75 -6.59 1.71
CA TRP B 275 -10.03 -7.02 1.19
C TRP B 275 -10.78 -6.34 0.03
N GLY B 276 -10.64 -5.06 -0.20
CA GLY B 276 -11.42 -4.53 -1.30
C GLY B 276 -10.49 -4.47 -2.47
N ALA B 277 -10.12 -3.25 -2.81
CA ALA B 277 -9.18 -2.98 -3.85
C ALA B 277 -8.56 -1.69 -3.32
N HIS B 278 -7.30 -1.45 -3.67
CA HIS B 278 -6.61 -0.24 -3.22
C HIS B 278 -5.69 0.26 -4.30
N GLY B 279 -5.90 1.50 -4.70
CA GLY B 279 -5.11 2.09 -5.74
C GLY B 279 -3.74 2.63 -5.34
N GLY B 280 -3.48 2.76 -4.05
CA GLY B 280 -2.18 3.27 -3.64
C GLY B 280 -2.08 4.56 -2.88
N GLY B 281 -3.13 5.37 -2.85
CA GLY B 281 -3.07 6.63 -2.13
C GLY B 281 -3.16 6.55 -0.63
N ALA B 282 -2.21 7.18 0.03
CA ALA B 282 -2.17 7.24 1.47
C ALA B 282 -3.05 8.41 1.92
N PHE B 283 -3.52 8.35 3.18
CA PHE B 283 -4.43 9.38 3.75
C PHE B 283 -3.79 10.42 4.63
N SER B 284 -3.05 9.99 5.65
CA SER B 284 -2.48 10.94 6.60
C SER B 284 -1.57 12.03 6.10
N GLY B 285 -1.84 13.26 6.52
CA GLY B 285 -1.03 14.41 6.11
C GLY B 285 -1.58 15.21 4.94
N LYS B 286 -2.63 14.65 4.33
CA LYS B 286 -3.32 15.24 3.20
C LYS B 286 -4.62 15.79 3.69
N ASP B 287 -4.92 17.04 3.31
CA ASP B 287 -6.17 17.68 3.75
C ASP B 287 -7.33 17.16 2.92
N TYR B 288 -8.54 17.64 3.23
CA TYR B 288 -9.75 17.22 2.57
C TYR B 288 -9.88 17.60 1.08
N THR B 289 -8.94 18.36 0.51
CA THR B 289 -9.02 18.70 -0.92
C THR B 289 -8.44 17.62 -1.85
N LYS B 290 -7.72 16.68 -1.27
CA LYS B 290 -7.12 15.60 -2.04
C LYS B 290 -8.12 14.46 -2.24
N VAL B 291 -8.47 14.12 -3.50
CA VAL B 291 -9.44 13.04 -3.78
C VAL B 291 -9.06 11.72 -3.17
N ASP B 292 -7.77 11.51 -2.95
CA ASP B 292 -7.27 10.30 -2.32
C ASP B 292 -7.89 10.06 -0.97
N ARG B 293 -8.14 11.15 -0.24
CA ARG B 293 -8.73 11.01 1.07
C ARG B 293 -10.24 11.07 0.98
N SER B 294 -10.76 12.24 0.67
CA SER B 294 -12.18 12.50 0.51
C SER B 294 -13.02 11.45 -0.19
N ALA B 295 -12.66 11.22 -1.46
CA ALA B 295 -13.35 10.30 -2.33
C ALA B 295 -13.32 8.88 -1.88
N ALA B 296 -12.23 8.50 -1.22
CA ALA B 296 -12.09 7.15 -0.69
C ALA B 296 -13.13 6.98 0.39
N TYR B 297 -13.29 8.03 1.20
CA TYR B 297 -14.25 8.10 2.29
C TYR B 297 -15.68 8.06 1.71
N ALA B 298 -15.93 8.86 0.67
CA ALA B 298 -17.22 8.89 -0.03
C ALA B 298 -17.58 7.49 -0.55
N ALA B 299 -16.61 6.81 -1.17
CA ALA B 299 -16.85 5.46 -1.69
C ALA B 299 -17.15 4.45 -0.60
N ARG B 300 -16.54 4.61 0.58
CA ARG B 300 -16.82 3.70 1.69
C ARG B 300 -18.26 3.97 2.08
N TRP B 301 -18.59 5.24 2.18
CA TRP B 301 -19.90 5.68 2.53
C TRP B 301 -20.96 4.99 1.67
N VAL B 302 -20.87 5.07 0.35
CA VAL B 302 -21.92 4.45 -0.45
C VAL B 302 -21.89 2.96 -0.31
N ALA B 303 -20.70 2.39 -0.22
CA ALA B 303 -20.66 0.95 -0.05
C ALA B 303 -21.41 0.58 1.24
N LYS B 304 -21.13 1.25 2.35
CA LYS B 304 -21.78 0.93 3.62
C LYS B 304 -23.30 1.16 3.55
N SER B 305 -23.69 2.25 2.89
CA SER B 305 -25.10 2.58 2.72
C SER B 305 -25.88 1.49 1.99
N LEU B 306 -25.30 1.01 0.89
CA LEU B 306 -25.91 -0.03 0.08
C LEU B 306 -26.15 -1.32 0.85
N VAL B 307 -25.14 -1.88 1.52
CA VAL B 307 -25.43 -3.12 2.25
C VAL B 307 -26.42 -2.80 3.38
N LYS B 308 -26.26 -1.65 4.03
CA LYS B 308 -27.16 -1.28 5.12
C LYS B 308 -28.61 -1.21 4.65
N ALA B 309 -28.83 -0.69 3.45
CA ALA B 309 -30.16 -0.57 2.87
C ALA B 309 -30.70 -1.89 2.32
N GLY B 310 -30.06 -3.01 2.69
CA GLY B 310 -30.50 -4.31 2.22
C GLY B 310 -30.27 -4.63 0.76
N LEU B 311 -29.76 -3.66 -0.01
CA LEU B 311 -29.52 -3.81 -1.45
C LEU B 311 -28.41 -4.77 -1.92
N CYS B 312 -27.66 -5.36 -0.99
CA CYS B 312 -26.60 -6.31 -1.31
C CYS B 312 -25.95 -6.71 0.00
N ARG B 313 -25.26 -7.85 0.01
CA ARG B 313 -24.60 -8.33 1.22
C ARG B 313 -23.12 -8.04 1.25
N ARG B 314 -22.57 -7.64 0.10
CA ARG B 314 -21.15 -7.37 -0.07
C ARG B 314 -20.94 -6.51 -1.32
N VAL B 315 -20.30 -5.35 -1.21
CA VAL B 315 -20.08 -4.50 -2.40
C VAL B 315 -18.71 -3.95 -2.52
N LEU B 316 -18.31 -3.77 -3.78
CA LEU B 316 -17.05 -3.13 -4.10
C LEU B 316 -17.46 -1.99 -5.06
N VAL B 317 -17.56 -0.75 -4.55
CA VAL B 317 -17.91 0.37 -5.39
C VAL B 317 -16.63 1.05 -5.83
N GLN B 318 -16.58 1.36 -7.11
CA GLN B 318 -15.43 1.93 -7.75
C GLN B 318 -15.76 3.30 -8.35
N VAL B 319 -15.18 4.38 -7.83
CA VAL B 319 -15.46 5.66 -8.38
C VAL B 319 -14.25 6.29 -9.05
N SER B 320 -14.41 6.68 -10.30
CA SER B 320 -13.34 7.30 -11.09
C SER B 320 -13.53 8.77 -11.28
N TYR B 321 -12.43 9.50 -11.31
CA TYR B 321 -12.46 10.92 -11.51
C TYR B 321 -11.50 11.29 -12.63
N ALA B 322 -11.78 12.41 -13.27
CA ALA B 322 -10.96 12.93 -14.35
C ALA B 322 -10.38 14.30 -13.97
N ILE B 323 -9.07 14.47 -14.10
CA ILE B 323 -8.44 15.71 -13.75
C ILE B 323 -9.20 16.85 -14.39
N GLY B 324 -9.63 17.77 -13.54
CA GLY B 324 -10.38 18.93 -14.00
C GLY B 324 -11.88 18.83 -13.84
N VAL B 325 -12.45 17.66 -14.10
CA VAL B 325 -13.88 17.49 -13.99
C VAL B 325 -14.31 17.29 -12.54
N ALA B 326 -15.43 17.91 -12.17
CA ALA B 326 -16.04 17.77 -10.83
C ALA B 326 -16.88 16.48 -10.67
N GLU B 327 -17.80 16.25 -11.59
CA GLU B 327 -18.67 15.09 -11.49
C GLU B 327 -17.86 13.82 -11.78
N PRO B 328 -18.03 12.76 -10.98
CA PRO B 328 -17.27 11.52 -11.22
C PRO B 328 -17.31 11.03 -12.65
N LEU B 329 -16.14 10.65 -13.18
CA LEU B 329 -16.02 10.11 -14.53
C LEU B 329 -16.21 8.61 -14.48
N SER B 330 -17.42 8.16 -14.17
CA SER B 330 -17.71 6.74 -14.08
C SER B 330 -17.62 6.00 -12.76
N ILE B 331 -18.77 5.71 -12.15
CA ILE B 331 -18.77 4.90 -10.95
C ILE B 331 -19.25 3.48 -11.37
N SER B 332 -18.65 2.43 -10.79
CA SER B 332 -18.99 1.02 -11.04
C SER B 332 -19.34 0.35 -9.71
N ILE B 333 -20.39 -0.46 -9.70
CA ILE B 333 -20.82 -1.16 -8.48
C ILE B 333 -20.62 -2.67 -8.65
N PHE B 334 -19.82 -3.30 -7.81
CA PHE B 334 -19.66 -4.73 -7.98
C PHE B 334 -20.16 -5.42 -6.75
N THR B 335 -21.32 -6.04 -6.90
CA THR B 335 -21.93 -6.81 -5.82
C THR B 335 -21.30 -8.15 -6.21
N TYR B 336 -21.33 -9.18 -5.40
CA TYR B 336 -20.68 -10.40 -5.88
C TYR B 336 -21.79 -11.36 -6.09
N GLY B 337 -22.75 -10.87 -6.88
CA GLY B 337 -23.95 -11.62 -7.15
C GLY B 337 -24.72 -11.70 -5.86
N THR B 338 -24.57 -10.69 -4.98
CA THR B 338 -25.28 -10.72 -3.69
C THR B 338 -26.46 -9.76 -3.59
N SER B 339 -26.75 -9.04 -4.67
CA SER B 339 -27.87 -8.09 -4.71
C SER B 339 -29.03 -8.67 -5.53
N LYS B 340 -30.25 -8.28 -5.22
CA LYS B 340 -31.36 -8.74 -6.02
C LYS B 340 -31.66 -7.70 -7.12
N LYS B 341 -31.29 -6.46 -6.86
CA LYS B 341 -31.55 -5.39 -7.77
C LYS B 341 -30.79 -5.40 -9.13
N THR B 342 -29.53 -5.78 -9.15
CA THR B 342 -28.74 -5.86 -10.41
C THR B 342 -28.00 -4.58 -10.77
N GLU B 343 -26.69 -4.70 -10.77
CA GLU B 343 -25.82 -3.60 -11.14
C GLU B 343 -26.37 -2.99 -12.44
N ARG B 344 -26.63 -1.70 -12.31
CA ARG B 344 -27.20 -0.80 -13.35
C ARG B 344 -28.73 -0.74 -13.19
N GLU B 345 -29.04 -0.86 -11.90
CA GLU B 345 -30.34 -0.69 -11.19
C GLU B 345 -29.81 -0.07 -9.90
N LEU B 346 -28.78 -0.73 -9.34
CA LEU B 346 -28.09 -0.24 -8.15
C LEU B 346 -27.33 1.02 -8.50
N LEU B 347 -26.91 1.14 -9.76
CA LEU B 347 -26.20 2.34 -10.18
C LEU B 347 -27.14 3.54 -10.18
N GLU B 348 -28.41 3.31 -10.51
CA GLU B 348 -29.34 4.44 -10.49
C GLU B 348 -29.64 4.86 -9.06
N VAL B 349 -29.71 3.86 -8.17
CA VAL B 349 -29.96 4.10 -6.76
C VAL B 349 -28.86 5.00 -6.20
N VAL B 350 -27.62 4.78 -6.63
CA VAL B 350 -26.50 5.57 -6.19
C VAL B 350 -26.53 6.93 -6.86
N ASN B 351 -26.88 6.99 -8.15
CA ASN B 351 -26.94 8.30 -8.82
C ASN B 351 -28.14 9.14 -8.39
N LYS B 352 -29.10 8.53 -7.69
CA LYS B 352 -30.25 9.27 -7.22
C LYS B 352 -30.10 9.65 -5.76
N ASN B 353 -29.18 9.01 -5.05
CA ASN B 353 -28.99 9.31 -3.62
C ASN B 353 -27.65 9.94 -3.25
N PHE B 354 -26.68 9.98 -4.16
CA PHE B 354 -25.35 10.54 -3.86
C PHE B 354 -24.79 11.52 -4.92
N ASP B 355 -24.11 12.59 -4.45
CA ASP B 355 -23.49 13.58 -5.33
C ASP B 355 -22.01 13.56 -5.00
N LEU B 356 -21.31 12.59 -5.56
CA LEU B 356 -19.89 12.41 -5.29
C LEU B 356 -18.92 13.40 -5.84
N ARG B 357 -19.39 14.61 -6.15
CA ARG B 357 -18.47 15.62 -6.63
C ARG B 357 -17.62 15.98 -5.40
N PRO B 358 -16.30 16.18 -5.59
CA PRO B 358 -15.40 16.53 -4.50
C PRO B 358 -15.93 17.52 -3.47
N GLY B 359 -16.36 18.69 -3.92
CA GLY B 359 -16.85 19.72 -3.02
C GLY B 359 -18.07 19.32 -2.24
N VAL B 360 -18.98 18.62 -2.89
CA VAL B 360 -20.17 18.20 -2.20
C VAL B 360 -19.76 17.15 -1.19
N ILE B 361 -18.76 16.33 -1.51
CA ILE B 361 -18.31 15.31 -0.55
C ILE B 361 -17.80 15.97 0.73
N VAL B 362 -16.90 16.93 0.64
CA VAL B 362 -16.40 17.56 1.85
C VAL B 362 -17.52 18.26 2.61
N ARG B 363 -18.50 18.83 1.90
CA ARG B 363 -19.62 19.49 2.59
C ARG B 363 -20.55 18.51 3.29
N ASP B 364 -20.90 17.41 2.63
CA ASP B 364 -21.78 16.44 3.24
C ASP B 364 -21.14 15.64 4.34
N LEU B 365 -19.86 15.34 4.21
CA LEU B 365 -19.17 14.54 5.21
C LEU B 365 -18.48 15.36 6.30
N ASP B 366 -18.68 16.67 6.25
CA ASP B 366 -18.11 17.60 7.25
C ASP B 366 -16.60 17.37 7.33
N LEU B 367 -15.95 17.42 6.17
CA LEU B 367 -14.54 17.16 6.04
C LEU B 367 -13.57 18.27 6.40
N LYS B 368 -14.08 19.38 6.90
CA LYS B 368 -13.21 20.49 7.32
C LYS B 368 -12.98 20.40 8.83
N LYS B 369 -13.62 19.41 9.44
CA LYS B 369 -13.54 19.19 10.86
C LYS B 369 -12.25 18.46 11.26
N PRO B 370 -11.65 18.87 12.37
CA PRO B 370 -10.41 18.25 12.81
C PRO B 370 -10.68 16.91 13.45
N ILE B 371 -10.96 15.90 12.64
CA ILE B 371 -11.17 14.54 13.16
C ILE B 371 -10.07 13.60 12.68
N TYR B 372 -9.16 14.14 11.90
CA TYR B 372 -8.12 13.35 11.30
C TYR B 372 -7.18 12.53 12.14
N GLN B 373 -6.72 13.04 13.28
CA GLN B 373 -5.82 12.22 14.09
C GLN B 373 -6.45 10.93 14.57
N LYS B 374 -7.75 10.93 14.86
CA LYS B 374 -8.41 9.71 15.36
C LYS B 374 -8.54 8.68 14.27
N THR B 375 -8.45 9.19 13.06
CA THR B 375 -8.51 8.44 11.84
C THR B 375 -7.18 7.71 11.55
N ALA B 376 -6.09 8.27 12.09
CA ALA B 376 -4.71 7.83 11.88
C ALA B 376 -4.21 6.56 12.55
N CYS B 377 -5.05 5.92 13.34
CA CYS B 377 -4.67 4.65 13.92
C CYS B 377 -5.94 3.85 14.16
N TYR B 378 -5.86 2.52 14.08
CA TYR B 378 -7.03 1.65 14.25
C TYR B 378 -8.00 1.63 13.05
N GLY B 379 -7.53 2.11 11.89
CA GLY B 379 -8.36 2.08 10.71
C GLY B 379 -9.26 3.25 10.43
N HIS B 380 -9.42 3.57 9.16
CA HIS B 380 -10.26 4.69 8.75
C HIS B 380 -11.69 4.26 8.52
N PHE B 381 -11.87 2.96 8.32
CA PHE B 381 -13.16 2.41 8.05
C PHE B 381 -13.66 1.47 9.16
N GLY B 382 -14.97 1.50 9.45
CA GLY B 382 -15.52 0.65 10.49
C GLY B 382 -16.12 1.40 11.65
N ARG B 383 -15.38 2.35 12.25
CA ARG B 383 -15.86 3.14 13.39
C ARG B 383 -16.95 4.12 12.98
N SER B 384 -18.09 4.00 13.66
CA SER B 384 -19.26 4.81 13.39
C SER B 384 -19.17 6.29 13.68
N GLU B 385 -18.16 6.67 14.47
CA GLU B 385 -17.98 8.07 14.86
C GLU B 385 -17.54 8.99 13.77
N PHE B 386 -17.33 8.42 12.59
CA PHE B 386 -16.88 9.16 11.42
C PHE B 386 -18.04 9.35 10.48
N PRO B 387 -18.18 10.55 9.92
CA PRO B 387 -19.25 10.85 9.00
C PRO B 387 -19.48 9.80 7.90
N TRP B 388 -18.41 9.37 7.25
CA TRP B 388 -18.56 8.41 6.17
C TRP B 388 -19.05 7.06 6.61
N GLU B 389 -19.12 6.85 7.93
CA GLU B 389 -19.58 5.57 8.49
C GLU B 389 -21.03 5.62 8.92
N VAL B 390 -21.67 6.77 8.73
CA VAL B 390 -23.08 6.85 9.04
C VAL B 390 -23.76 6.57 7.68
N PRO B 391 -24.47 5.45 7.55
CA PRO B 391 -25.15 5.09 6.30
C PRO B 391 -26.21 6.10 5.90
N LYS B 392 -26.25 6.46 4.62
CA LYS B 392 -27.23 7.40 4.10
C LYS B 392 -28.53 6.64 3.98
N LYS B 393 -29.65 7.38 4.05
CA LYS B 393 -30.97 6.76 3.94
C LYS B 393 -31.14 5.91 2.67
N LEU B 394 -31.01 6.53 1.49
CA LEU B 394 -31.17 5.79 0.23
C LEU B 394 -32.62 5.56 -0.14
N VAL B 395 -33.24 6.53 -0.79
CA VAL B 395 -34.62 6.31 -1.15
C VAL B 395 -34.89 5.24 -2.23
N PHE B 396 -33.85 4.56 -2.73
CA PHE B 396 -34.03 3.56 -3.82
C PHE B 396 -34.68 4.34 -4.97
#